data_7KUS
#
_entry.id   7KUS
#
_cell.length_a   80.489
_cell.length_b   80.489
_cell.length_c   245.308
_cell.angle_alpha   90.000
_cell.angle_beta   90.000
_cell.angle_gamma   120.000
#
_symmetry.space_group_name_H-M   'P 31 2 1'
#
loop_
_entity.id
_entity.type
_entity.pdbx_description
1 polymer 'Polyamine deacetylase HDAC10'
2 non-polymer DI(HYDROXYETHYL)ETHER
3 non-polymer 1,2-ETHANEDIOL
4 non-polymer 1-({4-[(3-aminopropyl)amino]butyl}amino)ethane-1,1-diol
5 non-polymer 'ZINC ION'
6 non-polymer 'POTASSIUM ION'
7 non-polymer 'PHOSPHATE ION'
8 water water
#
_entity_poly.entity_id   1
_entity_poly.type   'polypeptide(L)'
_entity_poly.pdbx_seq_one_letter_code
;SNAASGSALIFDEEMSRYKLLWTDPECEIEVPERLTVSYEALRTHGLAQRCKAVPVRQATEQEILLAHSEEYLEAVKQTP
GMNVEELMAFSKKYNAVYFHQNIYHCAKLAAGATLQLVDSVMKREVRNGMALVRPPGHASQRSAANGFCVFNNVAFAALY
AKKNYNLNRILIVDWDVHHGQGIQYCFEEDPSVLYFSWHRYEHQSFWPNLPESDYSSVGKGKGSGFNINLPWNKVGMTNS
DYLAAFFHVLLPVAYEFDPELVIVSAGFDSAIGDPEGEMCALPEIFAHLTHLLMPLAAGKMCVVLEGGYNLTSLGQSVCQ
TVHSLLGDPTPRISGLGTACDSALESIQNVRNVQSSYWSSFKHLAQSETNPKRPRLDATNGGPKESSEPASESNPKKTAQ
DIVWPEPLKRMPASVRTVVVPPPGVELTLPKNCQHSGDISESTAKEVQRIRDKHFHDLTDQNILRSLGNIISVLDRMMRS
DEVCNGCVVVSDLSVSVQCALQHALTEPAERVLVVYVGDGELPVKTNDGKVFLVQICTKETEDKCVNRLTLCLREGESLT
AGFMQALLGLILPVAYEFNPALVLGIVEETAAKTRLMRVWGHMTCLIQGLARGRMLTLLQGYDKDLLELTVSALSGASIS
PLGPLRAPKPEDVEMMEKQRQRLQERWGLLRCTVSESW
;
_entity_poly.pdbx_strand_id   A
#
loop_
_chem_comp.id
_chem_comp.type
_chem_comp.name
_chem_comp.formula
EDO non-polymer 1,2-ETHANEDIOL 'C2 H6 O2'
K non-polymer 'POTASSIUM ION' 'K 1'
PEG non-polymer DI(HYDROXYETHYL)ETHER 'C4 H10 O3'
PO4 non-polymer 'PHOSPHATE ION' 'O4 P -3'
X54 non-polymer 1-({4-[(3-aminopropyl)amino]butyl}amino)ethane-1,1-diol 'C9 H23 N3 O2'
ZN non-polymer 'ZINC ION' 'Zn 2'
#
# COMPACT_ATOMS: atom_id res chain seq x y z
N ALA A 3 -11.99 -14.04 8.97
CA ALA A 3 -11.38 -15.35 9.14
C ALA A 3 -10.79 -15.87 7.84
N ALA A 4 -10.88 -15.07 6.77
CA ALA A 4 -10.40 -15.53 5.47
C ALA A 4 -8.87 -15.57 5.40
N SER A 5 -8.36 -16.49 4.61
CA SER A 5 -6.91 -16.60 4.43
C SER A 5 -6.62 -17.03 3.01
N GLY A 6 -5.37 -16.84 2.60
CA GLY A 6 -4.94 -17.17 1.26
C GLY A 6 -5.14 -16.03 0.27
N SER A 7 -4.45 -16.15 -0.86
CA SER A 7 -4.55 -15.22 -1.97
C SER A 7 -4.90 -15.98 -3.23
N ALA A 8 -5.88 -15.50 -3.96
CA ALA A 8 -6.21 -16.09 -5.25
C ALA A 8 -5.29 -15.56 -6.33
N LEU A 9 -4.91 -16.44 -7.25
CA LEU A 9 -4.24 -16.08 -8.50
C LEU A 9 -5.09 -16.60 -9.63
N ILE A 10 -5.61 -15.70 -10.45
CA ILE A 10 -6.50 -16.09 -11.52
C ILE A 10 -5.77 -15.84 -12.83
N PHE A 11 -5.62 -16.89 -13.64
CA PHE A 11 -4.81 -16.84 -14.84
C PHE A 11 -5.24 -17.97 -15.77
N ASP A 12 -5.15 -17.73 -17.07
CA ASP A 12 -5.34 -18.80 -18.05
C ASP A 12 -4.58 -18.45 -19.31
N GLU A 13 -3.80 -19.42 -19.82
CA GLU A 13 -2.98 -19.14 -20.99
C GLU A 13 -3.80 -18.86 -22.24
N GLU A 14 -5.12 -19.13 -22.22
CA GLU A 14 -5.94 -18.77 -23.37
C GLU A 14 -5.88 -17.26 -23.66
N MET A 15 -5.75 -16.44 -22.63
CA MET A 15 -5.69 -14.99 -22.80
C MET A 15 -4.39 -14.52 -23.47
N SER A 16 -3.40 -15.41 -23.64
CA SER A 16 -2.27 -15.07 -24.49
C SER A 16 -2.48 -15.48 -25.94
N ARG A 17 -3.65 -15.98 -26.31
CA ARG A 17 -3.88 -16.50 -27.65
C ARG A 17 -4.64 -15.51 -28.53
N TYR A 18 -4.21 -14.24 -28.49
CA TYR A 18 -4.59 -13.25 -29.48
C TYR A 18 -3.43 -12.25 -29.56
N LYS A 19 -3.23 -11.67 -30.74
CA LYS A 19 -2.08 -10.79 -30.94
C LYS A 19 -2.32 -9.90 -32.15
N LEU A 20 -1.42 -8.93 -32.31
CA LEU A 20 -1.49 -7.97 -33.40
C LEU A 20 -1.07 -8.63 -34.72
N LEU A 21 -1.86 -8.39 -35.77
CA LEU A 21 -1.68 -9.10 -37.04
C LEU A 21 -1.22 -8.21 -38.18
N TRP A 22 -0.97 -6.94 -37.94
CA TRP A 22 -0.49 -6.05 -38.99
C TRP A 22 0.47 -5.07 -38.34
N THR A 23 1.16 -4.28 -39.17
CA THR A 23 2.09 -3.31 -38.63
C THR A 23 1.36 -2.17 -37.95
N ASP A 24 1.77 -1.85 -36.73
CA ASP A 24 1.23 -0.71 -35.99
C ASP A 24 2.16 -0.42 -34.81
N PRO A 25 3.13 0.49 -34.98
CA PRO A 25 4.08 0.76 -33.88
C PRO A 25 3.40 1.15 -32.58
N GLU A 26 2.22 1.76 -32.68
CA GLU A 26 1.51 2.19 -31.47
C GLU A 26 1.07 0.99 -30.62
N CYS A 27 0.58 -0.07 -31.26
CA CYS A 27 0.04 -1.22 -30.54
C CYS A 27 1.01 -2.38 -30.39
N GLU A 28 2.15 -2.37 -31.07
CA GLU A 28 3.03 -3.55 -31.07
C GLU A 28 3.62 -3.86 -29.70
N ILE A 29 3.49 -2.96 -28.72
CA ILE A 29 4.00 -3.25 -27.37
C ILE A 29 3.07 -4.16 -26.58
N GLU A 30 1.80 -4.27 -26.95
CA GLU A 30 0.85 -5.09 -26.20
C GLU A 30 0.91 -6.49 -26.77
N VAL A 31 1.68 -7.37 -26.12
CA VAL A 31 2.00 -8.68 -26.70
C VAL A 31 1.52 -9.81 -25.80
N PRO A 32 1.28 -11.00 -26.37
CA PRO A 32 0.94 -12.16 -25.54
C PRO A 32 1.95 -12.44 -24.44
N GLU A 33 3.25 -12.21 -24.70
CA GLU A 33 4.29 -12.58 -23.74
C GLU A 33 4.16 -11.84 -22.42
N ARG A 34 3.40 -10.73 -22.39
CA ARG A 34 3.19 -10.03 -21.12
C ARG A 34 2.58 -10.96 -20.07
N LEU A 35 1.61 -11.78 -20.47
CA LEU A 35 1.02 -12.74 -19.54
C LEU A 35 1.98 -13.89 -19.27
N THR A 36 2.60 -14.42 -20.32
CA THR A 36 3.50 -15.57 -20.19
C THR A 36 4.65 -15.26 -19.25
N VAL A 37 5.28 -14.11 -19.44
CA VAL A 37 6.41 -13.71 -18.59
C VAL A 37 5.97 -13.50 -17.16
N SER A 38 4.79 -12.91 -16.94
CA SER A 38 4.34 -12.63 -15.58
C SER A 38 4.04 -13.91 -14.80
N TYR A 39 3.32 -14.84 -15.43
CA TYR A 39 3.02 -16.09 -14.73
C TYR A 39 4.29 -16.88 -14.46
N GLU A 40 5.16 -17.00 -15.46
CA GLU A 40 6.42 -17.73 -15.27
C GLU A 40 7.28 -17.08 -14.19
N ALA A 41 7.23 -15.75 -14.05
CA ALA A 41 7.99 -15.11 -12.97
C ALA A 41 7.44 -15.51 -11.62
N LEU A 42 6.11 -15.53 -11.50
CA LEU A 42 5.49 -16.00 -10.27
C LEU A 42 5.86 -17.46 -9.98
N ARG A 43 5.87 -18.30 -11.02
CA ARG A 43 6.22 -19.70 -10.81
CA ARG A 43 6.23 -19.71 -10.85
C ARG A 43 7.68 -19.85 -10.40
N THR A 44 8.59 -19.16 -11.09
CA THR A 44 10.02 -19.21 -10.75
C THR A 44 10.27 -18.85 -9.28
N HIS A 45 9.54 -17.87 -8.76
CA HIS A 45 9.78 -17.43 -7.38
C HIS A 45 8.92 -18.15 -6.36
N GLY A 46 8.23 -19.22 -6.75
CA GLY A 46 7.41 -19.97 -5.82
C GLY A 46 6.13 -19.29 -5.39
N LEU A 47 5.75 -18.21 -6.06
CA LEU A 47 4.58 -17.45 -5.60
C LEU A 47 3.29 -18.03 -6.13
N ALA A 48 3.27 -18.46 -7.40
CA ALA A 48 2.06 -19.03 -7.98
C ALA A 48 1.63 -20.27 -7.21
N GLN A 49 2.60 -21.07 -6.76
CA GLN A 49 2.33 -22.29 -6.02
C GLN A 49 1.74 -22.03 -4.64
N ARG A 50 1.95 -20.84 -4.07
CA ARG A 50 1.40 -20.48 -2.79
C ARG A 50 0.02 -19.82 -2.89
N CYS A 51 -0.42 -19.51 -4.10
CA CYS A 51 -1.75 -18.92 -4.30
C CYS A 51 -2.78 -20.01 -4.57
N LYS A 52 -4.03 -19.68 -4.25
CA LYS A 52 -5.18 -20.50 -4.63
C LYS A 52 -5.53 -20.24 -6.09
N ALA A 53 -5.39 -21.27 -6.93
CA ALA A 53 -5.69 -21.12 -8.34
C ALA A 53 -7.20 -21.16 -8.52
N VAL A 54 -7.78 -20.06 -8.96
CA VAL A 54 -9.21 -19.97 -9.24
C VAL A 54 -9.36 -19.93 -10.76
N PRO A 55 -10.19 -20.78 -11.35
CA PRO A 55 -10.28 -20.81 -12.82
C PRO A 55 -10.96 -19.57 -13.35
N VAL A 56 -10.66 -19.25 -14.60
CA VAL A 56 -11.36 -18.17 -15.26
C VAL A 56 -12.73 -18.67 -15.74
N ARG A 57 -13.60 -17.72 -16.07
CA ARG A 57 -14.84 -18.03 -16.77
C ARG A 57 -15.11 -16.91 -17.75
N GLN A 58 -16.12 -17.08 -18.58
CA GLN A 58 -16.57 -16.00 -19.42
C GLN A 58 -17.50 -15.10 -18.62
N ALA A 59 -17.33 -13.79 -18.79
CA ALA A 59 -18.39 -12.87 -18.42
C ALA A 59 -19.61 -13.13 -19.30
N THR A 60 -20.79 -13.12 -18.70
CA THR A 60 -22.01 -13.31 -19.45
C THR A 60 -22.39 -12.03 -20.19
N GLU A 61 -23.30 -12.16 -21.16
CA GLU A 61 -23.83 -10.97 -21.84
C GLU A 61 -24.41 -9.97 -20.84
N GLN A 62 -25.20 -10.47 -19.89
CA GLN A 62 -25.81 -9.58 -18.91
C GLN A 62 -24.75 -8.85 -18.09
N GLU A 63 -23.64 -9.52 -17.79
CA GLU A 63 -22.60 -8.87 -17.00
C GLU A 63 -21.88 -7.82 -17.84
N ILE A 64 -21.67 -8.10 -19.12
CA ILE A 64 -21.00 -7.13 -19.98
C ILE A 64 -21.85 -5.87 -20.11
N LEU A 65 -23.17 -6.05 -20.17
CA LEU A 65 -24.10 -4.92 -20.29
C LEU A 65 -24.20 -4.08 -19.03
N LEU A 66 -23.56 -4.47 -17.93
CA LEU A 66 -23.46 -3.59 -16.77
C LEU A 66 -22.67 -2.33 -17.09
N ALA A 67 -21.71 -2.44 -18.00
CA ALA A 67 -20.80 -1.33 -18.28
C ALA A 67 -20.75 -0.95 -19.74
N HIS A 68 -21.35 -1.72 -20.64
CA HIS A 68 -21.22 -1.45 -22.07
C HIS A 68 -22.58 -1.49 -22.73
N SER A 69 -22.67 -0.79 -23.87
CA SER A 69 -23.92 -0.69 -24.60
C SER A 69 -24.16 -1.95 -25.43
N GLU A 70 -25.45 -2.22 -25.68
CA GLU A 70 -25.82 -3.38 -26.51
C GLU A 70 -25.26 -3.26 -27.91
N GLU A 71 -25.23 -2.03 -28.46
CA GLU A 71 -24.69 -1.82 -29.80
C GLU A 71 -23.20 -2.13 -29.87
N TYR A 72 -22.43 -1.69 -28.89
CA TYR A 72 -21.00 -1.98 -28.92
C TYR A 72 -20.73 -3.47 -28.74
N LEU A 73 -21.43 -4.10 -27.80
CA LEU A 73 -21.26 -5.55 -27.60
C LEU A 73 -21.59 -6.32 -28.87
N GLU A 74 -22.70 -5.98 -29.52
CA GLU A 74 -23.05 -6.66 -30.77
C GLU A 74 -21.99 -6.45 -31.85
N ALA A 75 -21.37 -5.26 -31.91
CA ALA A 75 -20.32 -5.05 -32.89
C ALA A 75 -19.10 -5.93 -32.59
N VAL A 76 -18.67 -5.97 -31.33
CA VAL A 76 -17.50 -6.77 -30.95
C VAL A 76 -17.79 -8.26 -31.16
N LYS A 77 -19.02 -8.68 -30.93
CA LYS A 77 -19.41 -10.09 -31.08
C LYS A 77 -19.24 -10.59 -32.52
N GLN A 78 -19.17 -9.69 -33.51
CA GLN A 78 -19.00 -10.11 -34.90
CA GLN A 78 -19.00 -10.10 -34.90
C GLN A 78 -17.53 -10.32 -35.27
N THR A 79 -16.58 -9.85 -34.46
CA THR A 79 -15.17 -9.92 -34.84
C THR A 79 -14.60 -11.34 -34.93
N PRO A 80 -15.09 -12.33 -34.16
CA PRO A 80 -14.57 -13.70 -34.38
C PRO A 80 -14.78 -14.21 -35.79
N GLY A 81 -15.80 -13.71 -36.49
CA GLY A 81 -16.04 -14.09 -37.86
C GLY A 81 -15.32 -13.26 -38.91
N MET A 82 -14.45 -12.33 -38.51
CA MET A 82 -13.84 -11.41 -39.47
C MET A 82 -12.48 -11.91 -39.93
N ASN A 83 -12.17 -11.65 -41.21
CA ASN A 83 -10.80 -11.90 -41.68
C ASN A 83 -9.91 -10.70 -41.34
N VAL A 84 -8.63 -10.78 -41.72
CA VAL A 84 -7.67 -9.79 -41.26
C VAL A 84 -7.98 -8.41 -41.85
N GLU A 85 -8.31 -8.34 -43.14
CA GLU A 85 -8.73 -7.06 -43.72
C GLU A 85 -9.89 -6.45 -42.96
N GLU A 86 -10.89 -7.28 -42.60
CA GLU A 86 -12.04 -6.77 -41.87
C GLU A 86 -11.69 -6.41 -40.43
N LEU A 87 -10.79 -7.16 -39.79
CA LEU A 87 -10.38 -6.83 -38.43
C LEU A 87 -9.63 -5.51 -38.39
N MET A 88 -8.81 -5.25 -39.40
CA MET A 88 -8.08 -3.99 -39.46
C MET A 88 -9.02 -2.81 -39.66
N ALA A 89 -10.05 -2.98 -40.50
CA ALA A 89 -11.01 -1.89 -40.72
C ALA A 89 -11.86 -1.65 -39.48
N PHE A 90 -12.20 -2.71 -38.75
CA PHE A 90 -12.92 -2.53 -37.49
C PHE A 90 -12.05 -1.82 -36.45
N SER A 91 -10.77 -2.17 -36.40
CA SER A 91 -9.86 -1.60 -35.40
C SER A 91 -9.66 -0.10 -35.62
N LYS A 92 -9.55 0.31 -36.88
CA LYS A 92 -9.36 1.72 -37.23
C LYS A 92 -10.53 2.61 -36.84
N LYS A 93 -11.68 2.04 -36.50
CA LYS A 93 -12.76 2.83 -35.93
C LYS A 93 -12.46 3.32 -34.53
N TYR A 94 -11.38 2.86 -33.91
CA TYR A 94 -11.14 3.17 -32.51
C TYR A 94 -9.71 3.68 -32.33
N ASN A 95 -9.45 4.20 -31.14
CA ASN A 95 -8.17 4.81 -30.80
C ASN A 95 -7.25 3.78 -30.15
N ALA A 96 -6.12 3.48 -30.81
CA ALA A 96 -5.05 2.67 -30.21
C ALA A 96 -5.54 1.29 -29.73
N VAL A 97 -6.15 0.54 -30.64
CA VAL A 97 -6.59 -0.81 -30.27
C VAL A 97 -6.57 -1.66 -31.53
N TYR A 98 -6.22 -2.95 -31.38
CA TYR A 98 -6.32 -3.90 -32.48
C TYR A 98 -7.27 -5.02 -32.10
N PHE A 99 -7.81 -5.67 -33.11
CA PHE A 99 -8.72 -6.79 -32.91
C PHE A 99 -8.13 -8.04 -33.57
N HIS A 100 -8.62 -9.19 -33.13
CA HIS A 100 -8.10 -10.49 -33.53
C HIS A 100 -9.28 -11.46 -33.43
N GLN A 101 -9.25 -12.53 -34.23
CA GLN A 101 -10.35 -13.48 -34.22
CA GLN A 101 -10.36 -13.48 -34.22
C GLN A 101 -10.69 -13.99 -32.82
N ASN A 102 -9.70 -14.03 -31.94
CA ASN A 102 -9.89 -14.59 -30.60
C ASN A 102 -10.00 -13.54 -29.50
N ILE A 103 -9.98 -12.23 -29.84
CA ILE A 103 -9.91 -11.23 -28.79
C ILE A 103 -11.25 -11.07 -28.06
N TYR A 104 -12.37 -11.29 -28.75
CA TYR A 104 -13.66 -11.23 -28.07
C TYR A 104 -13.77 -12.31 -27.01
N HIS A 105 -13.37 -13.53 -27.37
CA HIS A 105 -13.31 -14.62 -26.41
C HIS A 105 -12.40 -14.25 -25.23
N CYS A 106 -11.22 -13.73 -25.53
CA CYS A 106 -10.26 -13.40 -24.47
C CYS A 106 -10.77 -12.26 -23.60
N ALA A 107 -11.38 -11.23 -24.22
CA ALA A 107 -12.00 -10.15 -23.46
C ALA A 107 -13.08 -10.67 -22.50
N LYS A 108 -13.87 -11.66 -22.93
CA LYS A 108 -14.87 -12.20 -21.98
C LYS A 108 -14.19 -12.98 -20.88
N LEU A 109 -13.05 -13.63 -21.17
CA LEU A 109 -12.29 -14.31 -20.13
C LEU A 109 -11.65 -13.32 -19.17
N ALA A 110 -11.06 -12.24 -19.70
CA ALA A 110 -10.46 -11.22 -18.84
C ALA A 110 -11.50 -10.65 -17.88
N ALA A 111 -12.69 -10.35 -18.40
CA ALA A 111 -13.75 -9.84 -17.55
C ALA A 111 -14.25 -10.91 -16.58
N GLY A 112 -14.46 -12.14 -17.05
CA GLY A 112 -14.90 -13.18 -16.14
C GLY A 112 -13.89 -13.51 -15.07
N ALA A 113 -12.60 -13.54 -15.44
CA ALA A 113 -11.54 -13.72 -14.45
C ALA A 113 -11.65 -12.70 -13.33
N THR A 114 -11.88 -11.43 -13.70
CA THR A 114 -12.05 -10.37 -12.71
C THR A 114 -13.23 -10.65 -11.79
N LEU A 115 -14.36 -11.11 -12.35
CA LEU A 115 -15.53 -11.36 -11.51
C LEU A 115 -15.30 -12.57 -10.61
N GLN A 116 -14.58 -13.59 -11.10
CA GLN A 116 -14.17 -14.69 -10.23
C GLN A 116 -13.37 -14.18 -9.05
N LEU A 117 -12.49 -13.20 -9.30
CA LEU A 117 -11.67 -12.66 -8.24
C LEU A 117 -12.52 -11.93 -7.21
N VAL A 118 -13.44 -11.08 -7.69
CA VAL A 118 -14.36 -10.38 -6.80
C VAL A 118 -15.14 -11.38 -5.93
N ASP A 119 -15.68 -12.44 -6.56
CA ASP A 119 -16.48 -13.41 -5.80
C ASP A 119 -15.63 -14.15 -4.78
N SER A 120 -14.41 -14.55 -5.16
CA SER A 120 -13.54 -15.25 -4.22
C SER A 120 -13.28 -14.41 -2.98
N VAL A 121 -13.03 -13.12 -3.18
CA VAL A 121 -12.74 -12.24 -2.04
C VAL A 121 -14.02 -11.92 -1.28
N MET A 122 -15.11 -11.61 -2.00
CA MET A 122 -16.32 -11.17 -1.30
C MET A 122 -17.03 -12.32 -0.57
N LYS A 123 -16.80 -13.57 -0.98
CA LYS A 123 -17.31 -14.74 -0.27
C LYS A 123 -16.40 -15.20 0.85
N ARG A 124 -15.30 -14.48 1.10
CA ARG A 124 -14.30 -14.81 2.11
C ARG A 124 -13.60 -16.14 1.83
N GLU A 125 -13.58 -16.59 0.58
CA GLU A 125 -12.83 -17.81 0.24
C GLU A 125 -11.33 -17.54 0.18
N VAL A 126 -10.93 -16.30 -0.09
CA VAL A 126 -9.54 -15.86 0.05
C VAL A 126 -9.56 -14.46 0.67
N ARG A 127 -8.42 -14.04 1.18
CA ARG A 127 -8.29 -12.69 1.71
C ARG A 127 -8.23 -11.65 0.59
N ASN A 128 -7.52 -11.96 -0.48
CA ASN A 128 -7.22 -11.00 -1.52
C ASN A 128 -6.83 -11.82 -2.74
N GLY A 129 -6.47 -11.15 -3.83
CA GLY A 129 -5.96 -11.91 -4.95
C GLY A 129 -5.58 -11.02 -6.12
N MET A 130 -5.08 -11.66 -7.17
CA MET A 130 -4.68 -10.98 -8.38
C MET A 130 -5.20 -11.73 -9.59
N ALA A 131 -5.69 -10.99 -10.57
CA ALA A 131 -6.07 -11.52 -11.87
C ALA A 131 -5.07 -11.06 -12.93
N LEU A 132 -4.38 -12.01 -13.56
CA LEU A 132 -3.48 -11.74 -14.67
C LEU A 132 -4.24 -11.95 -15.97
N VAL A 133 -4.64 -10.84 -16.62
CA VAL A 133 -5.57 -10.90 -17.75
C VAL A 133 -5.03 -10.08 -18.91
N ARG A 134 -5.49 -10.46 -20.11
CA ARG A 134 -5.41 -9.73 -21.36
C ARG A 134 -6.76 -9.96 -22.03
N PRO A 135 -7.34 -8.94 -22.66
CA PRO A 135 -6.83 -7.57 -22.78
C PRO A 135 -7.06 -6.76 -21.52
N PRO A 136 -6.29 -5.69 -21.32
CA PRO A 136 -6.55 -4.81 -20.19
C PRO A 136 -7.89 -4.10 -20.39
N GLY A 137 -8.30 -3.35 -19.37
CA GLY A 137 -9.64 -2.81 -19.42
C GLY A 137 -9.86 -1.33 -19.21
N HIS A 138 -8.98 -0.62 -18.49
CA HIS A 138 -9.39 0.65 -17.86
C HIS A 138 -9.63 1.79 -18.85
N ALA A 139 -9.16 1.69 -20.08
CA ALA A 139 -9.44 2.71 -21.08
C ALA A 139 -10.70 2.42 -21.88
N SER A 140 -11.28 1.22 -21.71
CA SER A 140 -12.52 0.85 -22.39
C SER A 140 -13.65 1.79 -22.01
N GLN A 141 -14.50 2.12 -22.98
CA GLN A 141 -15.65 2.98 -22.75
C GLN A 141 -16.95 2.22 -23.01
N ARG A 142 -18.07 2.86 -22.63
N ARG A 142 -18.07 2.85 -22.61
CA ARG A 142 -19.37 2.20 -22.73
CA ARG A 142 -19.39 2.22 -22.74
C ARG A 142 -19.63 1.69 -24.15
C ARG A 142 -19.59 1.68 -24.16
N SER A 143 -19.24 2.45 -25.18
CA SER A 143 -19.48 2.07 -26.57
C SER A 143 -18.22 2.13 -27.43
N ALA A 144 -17.03 1.99 -26.84
CA ALA A 144 -15.84 2.03 -27.66
C ALA A 144 -14.69 1.26 -27.02
N ALA A 145 -13.99 0.52 -27.85
CA ALA A 145 -12.69 -0.01 -27.47
C ALA A 145 -11.67 1.12 -27.54
N ASN A 146 -10.65 1.04 -26.70
CA ASN A 146 -9.71 2.16 -26.62
C ASN A 146 -8.45 1.70 -25.91
N GLY A 147 -7.30 2.09 -26.45
CA GLY A 147 -6.05 1.91 -25.73
C GLY A 147 -5.78 0.48 -25.30
N PHE A 148 -5.88 -0.46 -26.25
CA PHE A 148 -5.68 -1.89 -26.06
C PHE A 148 -6.80 -2.55 -25.26
N CYS A 149 -7.82 -1.81 -24.85
CA CYS A 149 -8.87 -2.33 -23.99
C CYS A 149 -10.16 -2.57 -24.77
N VAL A 150 -10.78 -3.74 -24.54
CA VAL A 150 -12.05 -4.06 -25.20
C VAL A 150 -13.20 -3.81 -24.24
N PHE A 151 -13.20 -4.47 -23.09
CA PHE A 151 -14.21 -4.27 -22.06
C PHE A 151 -13.53 -3.80 -20.79
N ASN A 152 -14.26 -3.08 -19.94
CA ASN A 152 -13.65 -2.43 -18.78
C ASN A 152 -13.73 -3.35 -17.56
N ASN A 153 -12.71 -4.22 -17.44
CA ASN A 153 -12.70 -5.28 -16.44
C ASN A 153 -12.92 -4.74 -15.04
N VAL A 154 -12.20 -3.67 -14.67
CA VAL A 154 -12.30 -3.14 -13.32
C VAL A 154 -13.63 -2.42 -13.10
N ALA A 155 -14.16 -1.76 -14.13
CA ALA A 155 -15.49 -1.17 -13.98
C ALA A 155 -16.55 -2.24 -13.75
N PHE A 156 -16.49 -3.34 -14.51
CA PHE A 156 -17.29 -4.54 -14.22
C PHE A 156 -17.22 -4.92 -12.76
N ALA A 157 -16.00 -5.08 -12.26
CA ALA A 157 -15.83 -5.62 -10.92
C ALA A 157 -16.53 -4.77 -9.89
N ALA A 158 -16.47 -3.44 -10.03
CA ALA A 158 -17.12 -2.57 -9.06
C ALA A 158 -18.63 -2.62 -9.21
N LEU A 159 -19.14 -2.57 -10.44
CA LEU A 159 -20.57 -2.64 -10.67
C LEU A 159 -21.15 -3.98 -10.23
N TYR A 160 -20.41 -5.07 -10.54
CA TYR A 160 -20.81 -6.41 -10.11
C TYR A 160 -20.81 -6.53 -8.59
N ALA A 161 -19.82 -5.94 -7.92
CA ALA A 161 -19.75 -6.01 -6.46
C ALA A 161 -20.84 -5.18 -5.82
N LYS A 162 -21.20 -4.04 -6.42
CA LYS A 162 -22.34 -3.28 -5.91
C LYS A 162 -23.62 -4.09 -6.04
N LYS A 163 -23.85 -4.67 -7.22
CA LYS A 163 -25.12 -5.32 -7.50
C LYS A 163 -25.28 -6.60 -6.69
N ASN A 164 -24.24 -7.42 -6.61
CA ASN A 164 -24.39 -8.75 -6.02
C ASN A 164 -24.01 -8.82 -4.55
N TYR A 165 -23.28 -7.85 -4.02
CA TYR A 165 -22.98 -7.84 -2.59
C TYR A 165 -23.49 -6.60 -1.90
N ASN A 166 -24.20 -5.72 -2.63
CA ASN A 166 -24.85 -4.55 -2.03
C ASN A 166 -23.85 -3.65 -1.31
N LEU A 167 -22.67 -3.48 -1.90
CA LEU A 167 -21.65 -2.62 -1.32
C LEU A 167 -22.00 -1.16 -1.56
N ASN A 168 -21.71 -0.32 -0.57
CA ASN A 168 -21.96 1.11 -0.68
C ASN A 168 -20.71 1.93 -0.97
N ARG A 169 -19.52 1.40 -0.70
CA ARG A 169 -18.28 2.17 -0.86
C ARG A 169 -17.21 1.25 -1.43
N ILE A 170 -16.76 1.56 -2.64
CA ILE A 170 -15.70 0.81 -3.32
C ILE A 170 -14.62 1.80 -3.75
N LEU A 171 -13.37 1.51 -3.40
CA LEU A 171 -12.21 2.28 -3.84
C LEU A 171 -11.56 1.58 -5.03
N ILE A 172 -11.35 2.32 -6.11
CA ILE A 172 -10.55 1.83 -7.23
C ILE A 172 -9.27 2.65 -7.27
N VAL A 173 -8.13 1.97 -7.23
CA VAL A 173 -6.81 2.62 -7.29
C VAL A 173 -6.19 2.23 -8.61
N ASP A 174 -5.96 3.19 -9.49
CA ASP A 174 -5.43 2.94 -10.81
C ASP A 174 -3.99 3.46 -10.84
N TRP A 175 -3.02 2.57 -10.61
CA TRP A 175 -1.62 2.99 -10.62
C TRP A 175 -0.93 2.70 -11.94
N ASP A 176 -1.68 2.23 -12.94
CA ASP A 176 -1.21 2.24 -14.32
C ASP A 176 -0.73 3.65 -14.66
N VAL A 177 0.23 3.74 -15.58
CA VAL A 177 0.80 5.05 -15.91
C VAL A 177 -0.09 5.85 -16.85
N HIS A 178 -1.12 5.25 -17.43
CA HIS A 178 -2.11 5.94 -18.24
C HIS A 178 -3.35 6.20 -17.42
N HIS A 179 -4.04 7.28 -17.75
CA HIS A 179 -5.34 7.55 -17.14
C HIS A 179 -6.33 6.46 -17.54
N GLY A 180 -7.19 6.04 -16.61
CA GLY A 180 -8.26 5.12 -17.01
C GLY A 180 -9.56 5.86 -17.27
N GLN A 181 -9.63 6.52 -18.44
CA GLN A 181 -10.75 7.41 -18.71
C GLN A 181 -12.08 6.66 -18.68
N GLY A 182 -12.08 5.39 -19.08
CA GLY A 182 -13.32 4.63 -19.07
C GLY A 182 -13.85 4.41 -17.66
N ILE A 183 -12.95 4.22 -16.70
CA ILE A 183 -13.38 4.10 -15.31
C ILE A 183 -13.90 5.42 -14.79
N GLN A 184 -13.17 6.52 -15.07
CA GLN A 184 -13.63 7.84 -14.63
C GLN A 184 -15.03 8.12 -15.12
N TYR A 185 -15.27 7.93 -16.43
CA TYR A 185 -16.58 8.22 -17.02
C TYR A 185 -17.65 7.36 -16.39
N CYS A 186 -17.34 6.09 -16.14
CA CYS A 186 -18.33 5.17 -15.61
C CYS A 186 -18.85 5.62 -14.26
N PHE A 187 -17.98 6.11 -13.38
CA PHE A 187 -18.37 6.41 -12.02
C PHE A 187 -18.36 7.90 -11.71
N GLU A 188 -18.35 8.74 -12.75
CA GLU A 188 -18.18 10.19 -12.58
C GLU A 188 -19.22 10.77 -11.64
N GLU A 189 -20.47 10.32 -11.74
CA GLU A 189 -21.53 10.87 -10.91
C GLU A 189 -21.89 10.00 -9.72
N ASP A 190 -21.08 8.98 -9.42
CA ASP A 190 -21.42 7.95 -8.44
C ASP A 190 -20.58 8.10 -7.17
N PRO A 191 -21.15 8.53 -6.04
CA PRO A 191 -20.36 8.65 -4.82
C PRO A 191 -20.04 7.33 -4.14
N SER A 192 -20.59 6.21 -4.63
CA SER A 192 -20.31 4.92 -4.02
C SER A 192 -18.98 4.34 -4.49
N VAL A 193 -18.42 4.86 -5.57
CA VAL A 193 -17.15 4.37 -6.11
C VAL A 193 -16.15 5.55 -6.10
N LEU A 194 -15.08 5.43 -5.34
CA LEU A 194 -14.03 6.43 -5.33
C LEU A 194 -12.93 5.98 -6.30
N TYR A 195 -12.65 6.79 -7.31
CA TYR A 195 -11.63 6.48 -8.32
C TYR A 195 -10.41 7.37 -8.11
N PHE A 196 -9.24 6.77 -7.94
CA PHE A 196 -7.98 7.50 -7.91
C PHE A 196 -7.10 7.04 -9.06
N SER A 197 -6.53 7.99 -9.79
CA SER A 197 -5.60 7.68 -10.86
C SER A 197 -4.44 8.66 -10.81
N TRP A 198 -3.22 8.16 -10.80
CA TRP A 198 -2.09 8.95 -11.27
C TRP A 198 -1.76 8.53 -12.69
N HIS A 199 -1.09 9.42 -13.43
CA HIS A 199 -0.88 9.11 -14.84
C HIS A 199 0.03 10.14 -15.45
N ARG A 200 0.90 9.68 -16.35
CA ARG A 200 1.66 10.57 -17.20
C ARG A 200 0.71 11.42 -18.02
N TYR A 201 0.88 12.74 -17.94
CA TYR A 201 -0.03 13.70 -18.53
C TYR A 201 0.73 14.70 -19.39
N GLU A 202 1.83 15.23 -18.83
CA GLU A 202 2.67 16.24 -19.47
C GLU A 202 1.82 17.35 -20.09
N HIS A 203 0.96 17.94 -19.27
CA HIS A 203 0.15 19.10 -19.67
C HIS A 203 -0.71 18.76 -20.87
N GLN A 204 -1.27 17.54 -20.84
CA GLN A 204 -2.21 17.01 -21.81
C GLN A 204 -1.55 16.54 -23.08
N SER A 205 -0.22 16.62 -23.19
CA SER A 205 0.38 16.16 -24.44
C SER A 205 0.61 14.65 -24.47
N PHE A 206 0.37 13.92 -23.39
CA PHE A 206 0.51 12.47 -23.40
C PHE A 206 -0.83 11.75 -23.52
N TRP A 207 -0.83 10.65 -24.27
CA TRP A 207 -2.02 9.84 -24.48
C TRP A 207 -2.72 9.53 -23.16
N PRO A 208 -4.06 9.65 -23.07
CA PRO A 208 -5.03 9.91 -24.14
C PRO A 208 -5.35 11.40 -24.45
N ASN A 209 -4.54 12.33 -23.94
CA ASN A 209 -4.61 13.75 -24.33
C ASN A 209 -5.96 14.38 -24.01
N LEU A 210 -6.48 14.13 -22.82
CA LEU A 210 -7.80 14.63 -22.47
C LEU A 210 -7.73 15.75 -21.46
N PRO A 211 -8.45 16.85 -21.67
CA PRO A 211 -8.57 17.86 -20.60
C PRO A 211 -9.13 17.30 -19.31
N GLU A 212 -10.03 16.31 -19.39
CA GLU A 212 -10.68 15.78 -18.19
C GLU A 212 -9.80 14.81 -17.40
N SER A 213 -8.60 14.49 -17.88
CA SER A 213 -7.65 13.74 -17.05
C SER A 213 -6.85 14.62 -16.10
N ASP A 214 -7.15 15.92 -16.01
CA ASP A 214 -6.39 16.82 -15.15
C ASP A 214 -6.95 16.77 -13.72
N TYR A 215 -6.21 17.40 -12.80
CA TYR A 215 -6.60 17.40 -11.39
C TYR A 215 -7.93 18.10 -11.14
N SER A 216 -8.40 18.95 -12.06
CA SER A 216 -9.64 19.68 -11.83
CA SER A 216 -9.63 19.66 -11.77
C SER A 216 -10.89 18.82 -11.95
N SER A 217 -10.77 17.62 -12.53
CA SER A 217 -11.92 16.71 -12.64
C SER A 217 -12.07 15.98 -11.32
N VAL A 218 -13.00 16.45 -10.49
CA VAL A 218 -13.22 15.91 -9.15
C VAL A 218 -14.48 15.05 -9.10
N GLY A 219 -15.09 14.77 -10.24
CA GLY A 219 -16.41 14.15 -10.29
C GLY A 219 -17.50 15.17 -10.54
N LYS A 220 -18.72 14.68 -10.74
CA LYS A 220 -19.85 15.54 -11.10
C LYS A 220 -21.06 15.21 -10.26
N GLY A 221 -21.90 16.24 -10.02
CA GLY A 221 -23.14 16.02 -9.31
C GLY A 221 -22.89 15.47 -7.92
N LYS A 222 -23.67 14.46 -7.54
CA LYS A 222 -23.40 13.86 -6.24
C LYS A 222 -22.11 13.03 -6.23
N GLY A 223 -21.46 12.83 -7.38
CA GLY A 223 -20.14 12.24 -7.41
C GLY A 223 -18.98 13.20 -7.15
N SER A 224 -19.27 14.47 -6.90
CA SER A 224 -18.22 15.47 -6.74
C SER A 224 -17.33 15.13 -5.55
N GLY A 225 -16.01 15.05 -5.79
CA GLY A 225 -15.10 14.68 -4.74
C GLY A 225 -14.71 13.20 -4.74
N PHE A 226 -15.35 12.38 -5.58
CA PHE A 226 -15.04 10.94 -5.61
C PHE A 226 -14.29 10.54 -6.87
N ASN A 227 -13.75 11.52 -7.58
CA ASN A 227 -12.81 11.28 -8.67
C ASN A 227 -11.57 12.08 -8.37
N ILE A 228 -10.42 11.43 -8.33
CA ILE A 228 -9.15 12.07 -7.97
C ILE A 228 -8.12 11.76 -9.04
N ASN A 229 -7.74 12.78 -9.82
CA ASN A 229 -6.73 12.66 -10.85
C ASN A 229 -5.46 13.35 -10.36
N LEU A 230 -4.32 12.64 -10.45
CA LEU A 230 -3.01 13.18 -10.09
C LEU A 230 -2.13 13.12 -11.33
N PRO A 231 -2.08 14.19 -12.12
CA PRO A 231 -1.36 14.14 -13.39
C PRO A 231 0.13 14.34 -13.14
N TRP A 232 0.95 13.50 -13.77
CA TRP A 232 2.41 13.66 -13.77
C TRP A 232 2.79 14.46 -14.99
N ASN A 233 3.36 15.63 -14.78
CA ASN A 233 3.63 16.54 -15.87
C ASN A 233 5.09 16.49 -16.32
N LYS A 234 5.88 15.59 -15.74
CA LYS A 234 7.22 15.25 -16.22
C LYS A 234 7.40 13.75 -16.13
N VAL A 235 8.29 13.20 -16.96
CA VAL A 235 8.61 11.78 -16.83
C VAL A 235 9.70 11.63 -15.78
N GLY A 236 10.15 10.40 -15.54
CA GLY A 236 11.20 10.19 -14.56
C GLY A 236 10.75 10.20 -13.12
N MET A 237 9.45 10.06 -12.84
CA MET A 237 9.02 10.04 -11.45
C MET A 237 9.62 8.84 -10.71
N THR A 238 9.96 9.04 -9.44
CA THR A 238 10.72 8.08 -8.65
C THR A 238 9.86 7.50 -7.53
N ASN A 239 10.47 6.60 -6.78
CA ASN A 239 9.83 6.07 -5.58
C ASN A 239 9.31 7.18 -4.69
N SER A 240 10.11 8.23 -4.46
CA SER A 240 9.66 9.31 -3.57
C SER A 240 8.39 9.99 -4.08
N ASP A 241 8.28 10.21 -5.40
CA ASP A 241 7.07 10.83 -5.95
C ASP A 241 5.85 9.95 -5.72
N TYR A 242 6.00 8.63 -5.89
CA TYR A 242 4.86 7.73 -5.73
C TYR A 242 4.42 7.65 -4.28
N LEU A 243 5.39 7.56 -3.35
CA LEU A 243 5.03 7.54 -1.94
C LEU A 243 4.44 8.87 -1.48
N ALA A 244 4.98 9.99 -1.97
CA ALA A 244 4.38 11.30 -1.66
C ALA A 244 2.92 11.34 -2.08
N ALA A 245 2.62 10.79 -3.26
CA ALA A 245 1.24 10.72 -3.74
C ALA A 245 0.36 9.90 -2.81
N PHE A 246 0.87 8.77 -2.33
CA PHE A 246 0.08 7.96 -1.41
C PHE A 246 -0.08 8.65 -0.05
N PHE A 247 1.03 9.15 0.53
CA PHE A 247 0.93 9.71 1.88
C PHE A 247 0.10 10.98 1.92
N HIS A 248 0.19 11.80 0.89
CA HIS A 248 -0.42 13.12 0.96
C HIS A 248 -1.66 13.29 0.11
N VAL A 249 -2.02 12.30 -0.72
CA VAL A 249 -3.28 12.39 -1.49
C VAL A 249 -4.14 11.16 -1.27
N LEU A 250 -3.68 10.00 -1.74
CA LEU A 250 -4.56 8.82 -1.82
C LEU A 250 -4.95 8.30 -0.44
N LEU A 251 -3.96 8.04 0.43
CA LEU A 251 -4.27 7.37 1.69
C LEU A 251 -5.14 8.20 2.64
N PRO A 252 -4.89 9.51 2.82
CA PRO A 252 -5.81 10.30 3.65
C PRO A 252 -7.27 10.18 3.21
N VAL A 253 -7.50 10.24 1.90
CA VAL A 253 -8.85 10.10 1.38
C VAL A 253 -9.36 8.66 1.56
N ALA A 254 -8.51 7.68 1.27
CA ALA A 254 -8.94 6.28 1.35
C ALA A 254 -9.38 5.92 2.76
N TYR A 255 -8.61 6.33 3.77
CA TYR A 255 -8.98 5.96 5.14
C TYR A 255 -10.19 6.73 5.62
N GLU A 256 -10.45 7.92 5.07
CA GLU A 256 -11.69 8.62 5.41
C GLU A 256 -12.88 8.01 4.69
N PHE A 257 -12.72 7.69 3.40
CA PHE A 257 -13.76 7.02 2.62
C PHE A 257 -14.18 5.70 3.28
N ASP A 258 -13.22 4.92 3.80
CA ASP A 258 -13.47 3.62 4.44
C ASP A 258 -14.16 2.67 3.47
N PRO A 259 -13.48 2.26 2.40
CA PRO A 259 -14.14 1.37 1.43
C PRO A 259 -14.45 0.01 2.04
N GLU A 260 -15.42 -0.65 1.43
CA GLU A 260 -15.75 -2.04 1.76
C GLU A 260 -15.07 -3.03 0.85
N LEU A 261 -14.46 -2.55 -0.24
CA LEU A 261 -13.68 -3.35 -1.16
C LEU A 261 -12.69 -2.43 -1.86
N VAL A 262 -11.48 -2.91 -2.07
CA VAL A 262 -10.48 -2.19 -2.87
C VAL A 262 -10.21 -3.00 -4.14
N ILE A 263 -10.31 -2.34 -5.28
CA ILE A 263 -9.93 -2.91 -6.56
C ILE A 263 -8.76 -2.10 -7.10
N VAL A 264 -7.68 -2.76 -7.50
CA VAL A 264 -6.51 -2.08 -8.03
C VAL A 264 -6.45 -2.31 -9.53
N SER A 265 -6.46 -1.22 -10.28
CA SER A 265 -6.13 -1.23 -11.71
CA SER A 265 -6.13 -1.24 -11.70
C SER A 265 -4.61 -1.19 -11.79
N ALA A 266 -3.99 -2.36 -11.84
CA ALA A 266 -2.56 -2.51 -11.63
C ALA A 266 -1.86 -2.56 -12.97
N GLY A 267 -1.48 -1.37 -13.46
CA GLY A 267 -0.63 -1.27 -14.62
C GLY A 267 0.78 -1.02 -14.14
N PHE A 268 1.70 -1.86 -14.57
CA PHE A 268 3.09 -1.74 -14.18
C PHE A 268 3.89 -1.04 -15.26
N ASP A 269 3.21 -0.38 -16.21
CA ASP A 269 3.92 0.57 -17.05
C ASP A 269 4.33 1.82 -16.28
N SER A 270 4.02 1.89 -15.00
CA SER A 270 4.50 2.95 -14.12
C SER A 270 5.88 2.62 -13.53
N ALA A 271 6.46 1.47 -13.86
CA ALA A 271 7.74 1.04 -13.32
C ALA A 271 8.90 1.43 -14.25
N ILE A 272 10.10 1.49 -13.67
CA ILE A 272 11.30 1.80 -14.41
C ILE A 272 11.42 0.90 -15.62
N GLY A 273 11.95 1.45 -16.72
CA GLY A 273 12.19 0.69 -17.93
C GLY A 273 11.01 0.62 -18.90
N ASP A 274 9.84 1.06 -18.50
CA ASP A 274 8.69 0.91 -19.38
C ASP A 274 8.76 1.91 -20.53
N PRO A 275 8.52 1.48 -21.77
CA PRO A 275 8.62 2.41 -22.91
C PRO A 275 7.47 3.42 -22.98
N GLU A 276 6.31 3.13 -22.38
CA GLU A 276 5.21 4.10 -22.34
C GLU A 276 5.34 5.08 -21.19
N GLY A 277 5.65 4.59 -20.00
CA GLY A 277 5.64 5.45 -18.84
C GLY A 277 6.88 6.32 -18.70
N GLU A 278 8.05 5.74 -18.97
CA GLU A 278 9.34 6.41 -18.80
C GLU A 278 9.53 6.94 -17.39
N MET A 279 8.92 6.28 -16.40
CA MET A 279 9.13 6.63 -15.02
C MET A 279 10.33 5.85 -14.48
N CYS A 280 10.72 6.13 -13.23
CA CYS A 280 11.93 5.56 -12.65
C CYS A 280 11.68 4.83 -11.35
N ALA A 281 10.42 4.54 -11.03
CA ALA A 281 10.13 3.80 -9.80
C ALA A 281 10.58 2.35 -9.95
N LEU A 282 11.21 1.81 -8.91
CA LEU A 282 11.68 0.44 -8.88
C LEU A 282 10.51 -0.53 -8.65
N PRO A 283 10.64 -1.78 -9.11
CA PRO A 283 9.56 -2.75 -8.87
C PRO A 283 9.24 -2.92 -7.40
N GLU A 284 10.23 -2.72 -6.52
CA GLU A 284 10.00 -2.85 -5.08
C GLU A 284 8.91 -1.91 -4.58
N ILE A 285 8.72 -0.77 -5.26
CA ILE A 285 7.71 0.18 -4.81
C ILE A 285 6.33 -0.47 -4.79
N PHE A 286 6.07 -1.41 -5.71
CA PHE A 286 4.74 -2.01 -5.77
C PHE A 286 4.47 -2.90 -4.58
N ALA A 287 5.53 -3.41 -3.94
CA ALA A 287 5.35 -4.11 -2.67
C ALA A 287 4.73 -3.18 -1.63
N HIS A 288 5.12 -1.90 -1.65
CA HIS A 288 4.63 -0.95 -0.66
C HIS A 288 3.31 -0.32 -1.05
N LEU A 289 3.10 0.01 -2.33
CA LEU A 289 1.77 0.46 -2.73
C LEU A 289 0.72 -0.57 -2.35
N THR A 290 1.03 -1.85 -2.56
CA THR A 290 0.12 -2.92 -2.14
C THR A 290 -0.04 -2.93 -0.62
N HIS A 291 1.08 -2.88 0.12
CA HIS A 291 1.01 -3.04 1.58
C HIS A 291 0.29 -1.86 2.24
N LEU A 292 0.48 -0.65 1.72
CA LEU A 292 -0.16 0.52 2.32
C LEU A 292 -1.70 0.48 2.18
N LEU A 293 -2.22 -0.25 1.20
CA LEU A 293 -3.66 -0.40 1.01
C LEU A 293 -4.27 -1.60 1.74
N MET A 294 -3.46 -2.50 2.27
CA MET A 294 -4.03 -3.72 2.84
C MET A 294 -4.81 -3.52 4.14
N PRO A 295 -4.56 -2.49 4.96
CA PRO A 295 -5.45 -2.26 6.10
C PRO A 295 -6.81 -1.68 5.73
N LEU A 296 -7.10 -1.44 4.45
CA LEU A 296 -8.44 -0.99 4.07
C LEU A 296 -9.33 -2.20 3.81
N ALA A 297 -10.63 -2.04 4.05
CA ALA A 297 -11.64 -3.05 3.68
C ALA A 297 -11.31 -4.42 4.27
N ALA A 298 -10.69 -4.43 5.45
CA ALA A 298 -10.26 -5.65 6.13
C ALA A 298 -9.36 -6.50 5.23
N GLY A 299 -8.59 -5.85 4.36
CA GLY A 299 -7.70 -6.56 3.47
C GLY A 299 -8.34 -7.08 2.19
N LYS A 300 -9.62 -6.83 1.99
CA LYS A 300 -10.28 -7.29 0.77
C LYS A 300 -9.83 -6.48 -0.43
N MET A 301 -8.81 -6.97 -1.14
CA MET A 301 -8.20 -6.27 -2.25
C MET A 301 -8.14 -7.18 -3.47
N CYS A 302 -8.64 -6.68 -4.59
CA CYS A 302 -8.63 -7.39 -5.86
C CYS A 302 -7.70 -6.64 -6.81
N VAL A 303 -6.58 -7.26 -7.16
CA VAL A 303 -5.60 -6.64 -8.04
C VAL A 303 -5.83 -7.18 -9.45
N VAL A 304 -6.00 -6.27 -10.41
CA VAL A 304 -6.32 -6.66 -11.78
C VAL A 304 -5.26 -6.07 -12.70
N LEU A 305 -4.57 -6.94 -13.44
CA LEU A 305 -3.53 -6.49 -14.35
C LEU A 305 -4.10 -5.57 -15.43
N GLU A 306 -3.45 -4.42 -15.65
CA GLU A 306 -3.75 -3.58 -16.80
C GLU A 306 -2.58 -3.58 -17.78
N GLY A 307 -1.81 -2.48 -17.83
CA GLY A 307 -0.65 -2.38 -18.70
C GLY A 307 0.64 -2.83 -18.03
N GLY A 308 1.76 -2.62 -18.74
CA GLY A 308 3.10 -3.04 -18.32
C GLY A 308 3.86 -3.68 -19.47
N TYR A 309 4.82 -2.96 -20.08
CA TYR A 309 5.29 -3.35 -21.40
C TYR A 309 6.77 -3.68 -21.49
N ASN A 310 7.54 -3.41 -20.45
CA ASN A 310 8.90 -3.91 -20.35
C ASN A 310 8.82 -5.25 -19.65
N LEU A 311 9.11 -6.32 -20.38
CA LEU A 311 8.84 -7.65 -19.83
C LEU A 311 9.61 -7.90 -18.54
N THR A 312 10.76 -7.26 -18.37
CA THR A 312 11.55 -7.49 -17.17
C THR A 312 10.93 -6.79 -15.94
N SER A 313 10.71 -5.48 -16.00
CA SER A 313 10.09 -4.87 -14.83
C SER A 313 8.66 -5.34 -14.64
N LEU A 314 8.00 -5.82 -15.71
CA LEU A 314 6.69 -6.41 -15.54
C LEU A 314 6.76 -7.62 -14.62
N GLY A 315 7.64 -8.57 -14.95
CA GLY A 315 7.75 -9.75 -14.11
C GLY A 315 8.11 -9.42 -12.67
N GLN A 316 9.10 -8.53 -12.49
CA GLN A 316 9.53 -8.18 -11.15
C GLN A 316 8.44 -7.47 -10.36
N SER A 317 7.68 -6.57 -11.01
CA SER A 317 6.68 -5.81 -10.28
C SER A 317 5.48 -6.68 -9.91
N VAL A 318 5.09 -7.62 -10.79
CA VAL A 318 4.04 -8.58 -10.45
C VAL A 318 4.43 -9.41 -9.25
N CYS A 319 5.70 -9.85 -9.20
CA CYS A 319 6.17 -10.64 -8.05
C CYS A 319 6.12 -9.84 -6.77
N GLN A 320 6.57 -8.58 -6.81
CA GLN A 320 6.54 -7.75 -5.60
C GLN A 320 5.12 -7.55 -5.09
N THR A 321 4.15 -7.41 -6.01
CA THR A 321 2.75 -7.26 -5.60
C THR A 321 2.23 -8.53 -4.94
N VAL A 322 2.46 -9.70 -5.56
CA VAL A 322 1.95 -10.95 -5.00
C VAL A 322 2.64 -11.28 -3.68
N HIS A 323 3.94 -11.03 -3.58
CA HIS A 323 4.65 -11.14 -2.30
C HIS A 323 3.91 -10.42 -1.19
N SER A 324 3.48 -9.17 -1.46
CA SER A 324 2.77 -8.41 -0.44
C SER A 324 1.36 -8.94 -0.20
N LEU A 325 0.66 -9.37 -1.25
CA LEU A 325 -0.65 -10.00 -1.03
C LEU A 325 -0.52 -11.23 -0.13
N LEU A 326 0.53 -12.02 -0.32
CA LEU A 326 0.78 -13.18 0.54
C LEU A 326 1.28 -12.80 1.93
N GLY A 327 1.66 -11.55 2.18
CA GLY A 327 2.12 -11.14 3.49
C GLY A 327 3.62 -11.26 3.72
N ASP A 328 4.39 -11.51 2.68
CA ASP A 328 5.84 -11.61 2.83
C ASP A 328 6.46 -10.25 3.19
N PRO A 329 7.58 -10.25 3.90
CA PRO A 329 8.17 -8.98 4.35
C PRO A 329 8.49 -8.04 3.20
N THR A 330 8.13 -6.78 3.37
CA THR A 330 8.36 -5.79 2.34
C THR A 330 9.85 -5.43 2.26
N PRO A 331 10.37 -5.18 1.07
CA PRO A 331 11.79 -4.80 0.96
C PRO A 331 12.01 -3.37 1.42
N ARG A 332 13.21 -3.12 1.95
CA ARG A 332 13.55 -1.78 2.40
C ARG A 332 13.76 -0.86 1.20
N ILE A 333 13.20 0.35 1.25
CA ILE A 333 13.34 1.34 0.19
C ILE A 333 14.33 2.40 0.66
N SER A 334 15.50 2.45 0.03
CA SER A 334 16.53 3.41 0.39
C SER A 334 16.52 4.61 -0.55
N GLY A 335 17.17 5.69 -0.12
CA GLY A 335 17.35 6.86 -0.96
C GLY A 335 16.11 7.71 -1.15
N LEU A 336 15.12 7.59 -0.27
CA LEU A 336 13.91 8.39 -0.39
C LEU A 336 14.16 9.82 0.06
N GLY A 337 13.40 10.75 -0.51
CA GLY A 337 13.47 12.13 -0.11
C GLY A 337 12.31 12.92 -0.66
N THR A 338 12.53 14.21 -0.93
CA THR A 338 11.45 15.04 -1.44
C THR A 338 10.99 14.56 -2.81
N ALA A 339 9.68 14.66 -3.05
CA ALA A 339 9.19 14.56 -4.41
C ALA A 339 9.76 15.71 -5.23
N CYS A 340 9.89 15.51 -6.54
CA CYS A 340 10.37 16.60 -7.37
C CYS A 340 9.35 17.73 -7.45
N ASP A 341 9.81 18.90 -7.90
CA ASP A 341 8.95 20.09 -7.94
C ASP A 341 7.69 19.87 -8.79
N SER A 342 7.82 19.19 -9.93
CA SER A 342 6.63 18.97 -10.77
C SER A 342 5.59 18.13 -10.03
N ALA A 343 6.02 17.07 -9.36
CA ALA A 343 5.12 16.23 -8.58
C ALA A 343 4.52 17.02 -7.42
N LEU A 344 5.32 17.84 -6.75
CA LEU A 344 4.81 18.61 -5.63
C LEU A 344 3.77 19.62 -6.11
N GLU A 345 3.97 20.18 -7.30
CA GLU A 345 2.96 21.05 -7.89
C GLU A 345 1.65 20.29 -8.13
N SER A 346 1.76 19.10 -8.73
CA SER A 346 0.60 18.26 -8.98
C SER A 346 -0.10 17.92 -7.67
N ILE A 347 0.67 17.52 -6.65
CA ILE A 347 0.09 17.13 -5.37
C ILE A 347 -0.62 18.30 -4.71
N GLN A 348 0.01 19.49 -4.71
CA GLN A 348 -0.63 20.60 -4.03
C GLN A 348 -1.86 21.08 -4.81
N ASN A 349 -1.87 20.92 -6.13
CA ASN A 349 -3.03 21.34 -6.90
C ASN A 349 -4.22 20.42 -6.65
N VAL A 350 -3.98 19.09 -6.59
CA VAL A 350 -5.03 18.12 -6.28
CA VAL A 350 -5.09 18.19 -6.32
C VAL A 350 -5.58 18.34 -4.88
N ARG A 351 -4.68 18.53 -3.93
CA ARG A 351 -5.13 18.71 -2.54
C ARG A 351 -5.99 19.97 -2.43
N ASN A 352 -5.61 21.02 -3.17
CA ASN A 352 -6.38 22.25 -3.07
C ASN A 352 -7.77 22.12 -3.69
N VAL A 353 -7.88 21.48 -4.87
CA VAL A 353 -9.20 21.36 -5.49
C VAL A 353 -10.07 20.35 -4.73
N GLN A 354 -9.45 19.38 -4.07
CA GLN A 354 -10.20 18.40 -3.31
C GLN A 354 -10.52 18.88 -1.90
N SER A 355 -10.05 20.07 -1.52
CA SER A 355 -10.20 20.54 -0.15
C SER A 355 -11.66 20.81 0.21
N SER A 356 -12.52 21.03 -0.78
CA SER A 356 -13.95 21.18 -0.52
C SER A 356 -14.60 19.89 -0.03
N TYR A 357 -13.96 18.75 -0.25
CA TYR A 357 -14.64 17.47 -0.14
C TYR A 357 -14.09 16.52 0.90
N TRP A 358 -12.86 16.70 1.37
CA TRP A 358 -12.24 15.74 2.25
C TRP A 358 -11.72 16.43 3.49
N SER A 359 -11.96 15.82 4.66
CA SER A 359 -11.57 16.41 5.93
C SER A 359 -10.06 16.56 6.08
N SER A 360 -9.27 15.67 5.48
CA SER A 360 -7.82 15.78 5.59
C SER A 360 -7.26 17.04 4.92
N PHE A 361 -7.98 17.56 3.92
CA PHE A 361 -7.52 18.71 3.15
C PHE A 361 -8.27 20.00 3.51
N LYS A 362 -9.24 19.92 4.43
CA LYS A 362 -10.15 21.05 4.65
C LYS A 362 -9.43 22.27 5.21
N HIS A 363 -8.38 22.07 6.01
CA HIS A 363 -7.60 23.18 6.51
C HIS A 363 -6.97 24.02 5.40
N LEU A 364 -6.85 23.47 4.19
CA LEU A 364 -6.30 24.27 3.11
C LEU A 364 -7.28 25.30 2.56
N ALA A 365 -8.57 25.23 2.92
CA ALA A 365 -9.58 26.09 2.29
C ALA A 365 -9.66 27.49 2.90
N GLN A 366 -9.09 27.72 4.08
CA GLN A 366 -9.19 29.04 4.71
C GLN A 366 -7.89 29.37 5.43
N SER A 367 -7.77 30.64 5.84
CA SER A 367 -6.53 31.16 6.43
C SER A 367 -6.37 30.75 7.89
N GLU A 368 -7.38 31.03 8.71
CA GLU A 368 -7.27 30.86 10.16
C GLU A 368 -7.07 29.40 10.58
N ASP A 401 19.03 1.05 -23.53
CA ASP A 401 18.69 -0.08 -22.66
C ASP A 401 18.78 0.32 -21.18
N ILE A 402 17.63 0.31 -20.50
CA ILE A 402 17.54 0.70 -19.10
C ILE A 402 17.85 -0.51 -18.23
N VAL A 403 18.69 -0.33 -17.21
CA VAL A 403 19.06 -1.40 -16.29
C VAL A 403 18.91 -0.93 -14.86
N TRP A 404 18.55 -1.86 -13.97
CA TRP A 404 18.44 -1.60 -12.55
C TRP A 404 18.75 -2.89 -11.82
N PRO A 405 19.12 -2.82 -10.54
CA PRO A 405 19.48 -4.04 -9.81
C PRO A 405 18.28 -4.96 -9.58
N GLU A 406 18.57 -6.27 -9.61
CA GLU A 406 17.53 -7.26 -9.36
C GLU A 406 17.04 -7.15 -7.91
N PRO A 407 15.73 -7.27 -7.68
CA PRO A 407 15.22 -7.28 -6.30
C PRO A 407 15.69 -8.50 -5.52
N LEU A 408 15.95 -8.29 -4.22
CA LEU A 408 16.35 -9.35 -3.32
C LEU A 408 15.20 -10.33 -3.06
N LYS A 409 15.55 -11.49 -2.49
CA LYS A 409 14.54 -12.47 -2.14
C LYS A 409 13.68 -11.97 -0.98
N ARG A 410 12.41 -12.37 -0.97
CA ARG A 410 11.51 -11.97 0.12
C ARG A 410 10.86 -13.18 0.78
N MET A 411 11.67 -14.06 1.37
CA MET A 411 11.12 -15.27 1.98
C MET A 411 10.35 -14.92 3.25
N PRO A 412 9.19 -15.53 3.48
CA PRO A 412 8.49 -15.34 4.77
C PRO A 412 9.25 -16.03 5.90
N ALA A 413 9.11 -15.46 7.10
CA ALA A 413 9.81 -16.01 8.25
C ALA A 413 9.14 -17.29 8.72
N SER A 414 9.97 -18.25 9.19
CA SER A 414 9.46 -19.54 9.63
C SER A 414 8.40 -19.37 10.73
N VAL A 415 8.75 -18.62 11.77
CA VAL A 415 7.81 -18.14 12.77
C VAL A 415 7.71 -16.63 12.59
N ARG A 416 6.56 -16.14 12.13
CA ARG A 416 6.45 -14.72 11.86
C ARG A 416 6.60 -13.90 13.13
N THR A 417 5.87 -14.26 14.19
CA THR A 417 5.77 -13.44 15.39
C THR A 417 6.03 -14.28 16.64
N VAL A 418 6.93 -13.81 17.50
CA VAL A 418 7.20 -14.40 18.80
C VAL A 418 6.57 -13.51 19.86
N VAL A 419 5.86 -14.13 20.81
CA VAL A 419 5.11 -13.40 21.83
C VAL A 419 5.62 -13.81 23.20
N VAL A 420 5.76 -12.83 24.09
CA VAL A 420 6.21 -13.08 25.46
C VAL A 420 5.22 -12.45 26.43
N PRO A 421 4.12 -13.14 26.76
CA PRO A 421 3.18 -12.61 27.77
C PRO A 421 3.77 -12.74 29.16
N PRO A 422 3.16 -12.15 30.18
CA PRO A 422 3.66 -12.32 31.56
C PRO A 422 3.72 -13.79 31.93
N PRO A 423 4.56 -14.16 32.90
CA PRO A 423 4.76 -15.58 33.21
C PRO A 423 3.45 -16.27 33.58
N GLY A 424 3.21 -17.42 32.96
CA GLY A 424 2.01 -18.19 33.23
C GLY A 424 0.73 -17.60 32.68
N VAL A 425 0.79 -16.97 31.51
CA VAL A 425 -0.39 -16.49 30.81
C VAL A 425 -0.44 -17.24 29.49
N GLU A 426 -1.34 -18.21 29.38
CA GLU A 426 -1.49 -19.01 28.17
C GLU A 426 -2.54 -18.35 27.28
N LEU A 427 -2.15 -18.02 26.05
CA LEU A 427 -3.06 -17.39 25.11
C LEU A 427 -3.15 -18.22 23.83
N THR A 428 -4.30 -18.15 23.18
CA THR A 428 -4.51 -18.83 21.91
C THR A 428 -3.91 -17.97 20.80
N LEU A 429 -2.79 -18.46 20.19
CA LEU A 429 -2.05 -17.69 19.20
C LEU A 429 -2.41 -18.12 17.79
N PRO A 430 -2.40 -17.18 16.84
CA PRO A 430 -2.51 -17.56 15.41
C PRO A 430 -1.39 -18.51 15.02
N LYS A 431 -1.63 -19.23 13.92
CA LYS A 431 -0.78 -20.38 13.58
C LYS A 431 0.67 -20.00 13.29
N ASN A 432 0.93 -18.76 12.87
CA ASN A 432 2.30 -18.33 12.57
C ASN A 432 2.93 -17.55 13.72
N CYS A 433 2.34 -17.62 14.92
CA CYS A 433 2.91 -17.06 16.13
C CYS A 433 3.40 -18.17 17.04
N GLN A 434 4.37 -17.84 17.89
CA GLN A 434 4.85 -18.79 18.89
C GLN A 434 5.22 -18.05 20.17
N HIS A 435 5.16 -18.80 21.27
CA HIS A 435 5.59 -18.28 22.56
C HIS A 435 7.12 -18.20 22.60
N SER A 436 7.63 -17.43 23.56
CA SER A 436 9.07 -17.27 23.74
C SER A 436 9.79 -18.63 23.78
N ASP A 438 12.40 -19.42 25.57
CA ASP A 438 13.39 -20.30 26.18
C ASP A 438 14.79 -19.68 26.17
N ILE A 439 15.17 -19.05 27.29
CA ILE A 439 16.38 -18.25 27.34
C ILE A 439 17.62 -19.15 27.27
N SER A 440 18.61 -18.72 26.49
CA SER A 440 19.82 -19.49 26.26
C SER A 440 20.83 -19.32 27.40
N GLU A 441 21.95 -20.01 27.28
CA GLU A 441 23.04 -19.81 28.24
C GLU A 441 23.83 -18.55 27.90
N SER A 442 24.12 -18.35 26.61
CA SER A 442 24.80 -17.12 26.18
C SER A 442 23.95 -15.89 26.49
N THR A 443 22.65 -15.95 26.20
CA THR A 443 21.77 -14.83 26.50
C THR A 443 21.79 -14.51 27.99
N ALA A 444 21.73 -15.54 28.84
CA ALA A 444 21.70 -15.33 30.28
C ALA A 444 22.97 -14.67 30.77
N LYS A 445 24.13 -15.04 30.21
CA LYS A 445 25.38 -14.38 30.58
C LYS A 445 25.38 -12.92 30.13
N GLU A 446 24.77 -12.63 28.98
CA GLU A 446 24.67 -11.24 28.53
C GLU A 446 23.85 -10.39 29.49
N VAL A 447 22.72 -10.93 29.98
CA VAL A 447 21.89 -10.17 30.92
C VAL A 447 22.68 -9.84 32.17
N GLN A 448 23.50 -10.77 32.65
CA GLN A 448 24.24 -10.52 33.88
C GLN A 448 25.35 -9.49 33.65
N ARG A 449 26.08 -9.61 32.53
CA ARG A 449 27.05 -8.58 32.16
C ARG A 449 26.40 -7.21 32.12
N ILE A 450 25.24 -7.12 31.46
CA ILE A 450 24.51 -5.84 31.36
C ILE A 450 24.09 -5.37 32.74
N ARG A 451 23.61 -6.29 33.60
CA ARG A 451 23.22 -5.92 34.95
C ARG A 451 24.40 -5.37 35.74
N ASP A 452 25.52 -6.09 35.74
CA ASP A 452 26.67 -5.70 36.56
C ASP A 452 27.30 -4.41 36.07
N LYS A 453 27.05 -4.00 34.83
CA LYS A 453 27.63 -2.77 34.29
C LYS A 453 26.71 -1.57 34.42
N HIS A 454 25.40 -1.72 34.19
CA HIS A 454 24.51 -0.58 34.07
C HIS A 454 23.36 -0.54 35.07
N PHE A 455 23.02 -1.66 35.70
CA PHE A 455 21.91 -1.71 36.67
C PHE A 455 22.39 -2.49 37.90
N HIS A 456 23.28 -1.88 38.68
CA HIS A 456 23.88 -2.55 39.82
C HIS A 456 22.83 -3.01 40.81
N ASP A 457 21.99 -2.08 41.28
CA ASP A 457 20.97 -2.37 42.28
C ASP A 457 19.68 -2.90 41.66
N LEU A 458 19.78 -3.96 40.86
CA LEU A 458 18.62 -4.61 40.26
C LEU A 458 18.73 -6.12 40.47
N THR A 459 17.74 -6.69 41.16
CA THR A 459 17.66 -8.12 41.37
C THR A 459 16.31 -8.74 41.05
N ASP A 460 15.26 -7.92 40.86
CA ASP A 460 13.94 -8.41 40.46
C ASP A 460 14.07 -9.44 39.36
N GLN A 461 14.00 -10.73 39.72
CA GLN A 461 14.37 -11.83 38.85
C GLN A 461 13.44 -11.98 37.64
N ASN A 462 12.36 -11.20 37.57
CA ASN A 462 11.51 -11.24 36.39
C ASN A 462 11.68 -10.03 35.47
N ILE A 463 12.07 -8.87 36.00
CA ILE A 463 12.67 -7.85 35.14
C ILE A 463 13.85 -8.46 34.39
N LEU A 464 14.71 -9.19 35.11
CA LEU A 464 15.82 -9.89 34.48
C LEU A 464 15.35 -10.94 33.48
N ARG A 465 14.20 -11.56 33.74
CA ARG A 465 13.62 -12.47 32.76
C ARG A 465 13.24 -11.73 31.50
N SER A 466 12.56 -10.59 31.66
CA SER A 466 12.14 -9.79 30.51
CA SER A 466 12.14 -9.80 30.50
C SER A 466 13.33 -9.38 29.65
N LEU A 467 14.44 -8.99 30.30
CA LEU A 467 15.63 -8.63 29.55
C LEU A 467 16.18 -9.81 28.77
N GLY A 468 16.20 -11.00 29.38
CA GLY A 468 16.55 -12.18 28.62
C GLY A 468 15.62 -12.42 27.46
N ASN A 469 14.32 -12.16 27.66
CA ASN A 469 13.35 -12.36 26.59
C ASN A 469 13.57 -11.38 25.45
N ILE A 470 13.79 -10.11 25.77
CA ILE A 470 14.03 -9.09 24.74
C ILE A 470 15.24 -9.46 23.90
N ILE A 471 16.34 -9.85 24.54
CA ILE A 471 17.56 -10.15 23.81
C ILE A 471 17.38 -11.41 22.96
N SER A 472 16.66 -12.41 23.47
CA SER A 472 16.44 -13.63 22.70
C SER A 472 15.58 -13.36 21.47
N VAL A 473 14.49 -12.59 21.63
CA VAL A 473 13.64 -12.27 20.49
C VAL A 473 14.40 -11.44 19.46
N LEU A 474 15.11 -10.41 19.92
CA LEU A 474 15.85 -9.55 19.00
C LEU A 474 16.88 -10.33 18.21
N ASP A 475 17.58 -11.26 18.88
CA ASP A 475 18.58 -12.09 18.21
C ASP A 475 17.96 -12.93 17.10
N ARG A 476 16.77 -13.48 17.33
CA ARG A 476 16.12 -14.26 16.28
C ARG A 476 15.59 -13.36 15.18
N MET A 477 15.13 -12.16 15.52
CA MET A 477 14.66 -11.20 14.52
C MET A 477 15.80 -10.72 13.62
N MET A 478 16.94 -10.37 14.21
CA MET A 478 18.01 -9.67 13.49
C MET A 478 19.02 -10.62 12.86
N ARG A 479 19.26 -11.79 13.44
CA ARG A 479 20.33 -12.67 13.00
C ARG A 479 19.81 -13.98 12.44
N SER A 480 18.60 -13.96 11.88
CA SER A 480 17.98 -15.14 11.32
C SER A 480 16.77 -14.74 10.50
N ASP A 481 16.59 -15.41 9.36
CA ASP A 481 15.32 -15.34 8.64
C ASP A 481 14.24 -16.18 9.32
N GLU A 482 14.48 -16.55 10.59
CA GLU A 482 13.60 -17.47 11.30
C GLU A 482 12.40 -16.74 11.91
N VAL A 483 12.60 -15.54 12.44
CA VAL A 483 11.53 -14.78 13.08
C VAL A 483 11.48 -13.39 12.44
N CYS A 484 10.28 -12.87 12.24
CA CYS A 484 10.13 -11.52 11.68
C CYS A 484 10.05 -10.44 12.76
N ASN A 485 9.12 -10.57 13.69
CA ASN A 485 8.87 -9.51 14.67
C ASN A 485 8.44 -10.15 15.98
N GLY A 486 8.12 -9.33 16.96
CA GLY A 486 7.84 -9.85 18.29
C GLY A 486 7.15 -8.84 19.17
N CYS A 487 6.58 -9.36 20.25
CA CYS A 487 5.95 -8.53 21.27
C CYS A 487 6.28 -9.09 22.65
N VAL A 488 6.80 -8.24 23.52
CA VAL A 488 7.17 -8.60 24.89
C VAL A 488 6.41 -7.69 25.84
N VAL A 489 5.73 -8.29 26.82
CA VAL A 489 5.09 -7.55 27.91
C VAL A 489 6.13 -7.34 29.01
N VAL A 490 6.27 -6.09 29.47
CA VAL A 490 7.30 -5.73 30.43
C VAL A 490 6.67 -4.96 31.58
N SER A 491 7.46 -4.78 32.64
CA SER A 491 7.06 -3.95 33.76
C SER A 491 7.93 -2.71 33.90
N ASP A 492 9.25 -2.87 33.87
CA ASP A 492 10.20 -1.77 34.02
C ASP A 492 10.51 -1.22 32.64
N LEU A 493 9.95 -0.06 32.32
CA LEU A 493 10.10 0.47 30.96
C LEU A 493 11.52 0.93 30.70
N SER A 494 12.13 1.67 31.63
CA SER A 494 13.45 2.25 31.40
C SER A 494 14.49 1.18 31.12
N VAL A 495 14.58 0.16 31.98
CA VAL A 495 15.57 -0.90 31.79
C VAL A 495 15.29 -1.67 30.50
N SER A 496 14.01 -1.95 30.24
CA SER A 496 13.64 -2.72 29.05
C SER A 496 13.96 -1.95 27.77
N VAL A 497 13.60 -0.67 27.73
CA VAL A 497 13.85 0.16 26.55
C VAL A 497 15.34 0.30 26.30
N GLN A 498 16.09 0.63 27.36
CA GLN A 498 17.54 0.78 27.22
C GLN A 498 18.19 -0.50 26.74
N CYS A 499 17.73 -1.64 27.24
CA CYS A 499 18.34 -2.90 26.82
CA CYS A 499 18.33 -2.91 26.82
C CYS A 499 17.96 -3.25 25.38
N ALA A 500 16.69 -3.03 25.01
CA ALA A 500 16.28 -3.32 23.64
C ALA A 500 17.05 -2.46 22.64
N LEU A 501 17.07 -1.14 22.87
CA LEU A 501 17.70 -0.22 21.92
C LEU A 501 19.20 -0.45 21.84
N GLN A 502 19.90 -0.45 22.99
CA GLN A 502 21.34 -0.63 22.98
C GLN A 502 21.72 -1.97 22.37
N HIS A 503 20.94 -3.02 22.63
CA HIS A 503 21.26 -4.31 22.03
C HIS A 503 21.08 -4.25 20.51
N ALA A 504 20.02 -3.59 20.04
CA ALA A 504 19.79 -3.50 18.61
C ALA A 504 20.90 -2.70 17.93
N LEU A 505 21.36 -1.62 18.57
CA LEU A 505 22.35 -0.73 17.95
C LEU A 505 23.70 -1.42 17.74
N THR A 506 23.97 -2.51 18.45
CA THR A 506 25.21 -3.25 18.27
C THR A 506 25.03 -4.57 17.53
N GLU A 507 23.81 -4.87 17.08
CA GLU A 507 23.57 -6.08 16.28
C GLU A 507 24.49 -6.25 15.08
N PRO A 508 24.84 -5.21 14.30
CA PRO A 508 24.41 -3.80 14.34
C PRO A 508 23.19 -3.51 13.48
N ALA A 509 22.23 -2.78 14.06
CA ALA A 509 21.14 -2.17 13.31
C ALA A 509 21.54 -0.73 13.05
N GLU A 510 21.85 -0.41 11.79
CA GLU A 510 22.39 0.91 11.49
C GLU A 510 21.46 2.01 11.98
N ARG A 511 20.14 1.79 11.90
CA ARG A 511 19.17 2.80 12.30
C ARG A 511 17.95 2.16 12.95
N VAL A 512 17.44 2.81 13.99
CA VAL A 512 16.32 2.29 14.76
C VAL A 512 15.27 3.37 14.84
N LEU A 513 14.04 3.04 14.42
CA LEU A 513 12.89 3.92 14.61
C LEU A 513 12.19 3.53 15.90
N VAL A 514 12.03 4.49 16.80
CA VAL A 514 11.34 4.24 18.07
C VAL A 514 9.99 4.94 18.01
N VAL A 515 8.93 4.21 18.32
CA VAL A 515 7.57 4.76 18.35
C VAL A 515 7.03 4.57 19.76
N TYR A 516 6.80 5.66 20.46
CA TYR A 516 6.51 5.65 21.87
C TYR A 516 5.15 6.29 22.10
N VAL A 517 4.23 5.52 22.67
CA VAL A 517 2.94 6.06 23.09
C VAL A 517 3.03 6.18 24.61
N GLY A 518 3.17 7.41 25.08
CA GLY A 518 3.28 7.65 26.50
C GLY A 518 3.92 8.99 26.77
N ASP A 519 3.84 9.39 28.04
CA ASP A 519 4.46 10.61 28.50
C ASP A 519 5.77 10.31 29.23
N GLY A 520 6.53 11.36 29.49
CA GLY A 520 7.81 11.21 30.16
C GLY A 520 8.95 11.16 29.17
N GLU A 521 10.15 10.93 29.72
CA GLU A 521 11.38 10.88 28.95
C GLU A 521 11.90 9.45 28.93
N LEU A 522 12.21 8.98 27.76
CA LEU A 522 12.81 7.67 27.53
C LEU A 522 14.33 7.76 27.61
N PRO A 523 14.98 6.69 28.07
CA PRO A 523 16.44 6.62 27.90
C PRO A 523 16.82 6.42 26.44
N VAL A 524 16.50 7.41 25.59
CA VAL A 524 16.70 7.32 24.15
C VAL A 524 17.36 8.63 23.69
N LYS A 525 18.60 8.53 23.22
CA LYS A 525 19.31 9.68 22.66
C LYS A 525 19.11 9.73 21.14
N THR A 526 18.81 10.93 20.63
CA THR A 526 18.57 11.14 19.20
C THR A 526 19.58 12.14 18.62
N ASN A 527 20.84 12.06 19.08
CA ASN A 527 21.84 13.05 18.70
C ASN A 527 22.78 12.61 17.59
N ASP A 528 22.85 11.33 17.23
CA ASP A 528 23.87 10.87 16.30
C ASP A 528 23.31 10.41 14.95
N GLY A 529 22.01 10.62 14.70
CA GLY A 529 21.43 10.24 13.43
C GLY A 529 21.07 8.77 13.29
N LYS A 530 21.29 7.95 14.32
CA LYS A 530 20.98 6.55 14.18
C LYS A 530 19.65 6.17 14.81
N VAL A 531 19.01 7.07 15.53
CA VAL A 531 17.70 6.83 16.13
C VAL A 531 16.79 7.98 15.72
N PHE A 532 15.58 7.66 15.30
CA PHE A 532 14.51 8.64 15.19
C PHE A 532 13.40 8.24 16.15
N LEU A 533 12.91 9.20 16.91
CA LEU A 533 11.91 8.94 17.94
C LEU A 533 10.59 9.63 17.58
N VAL A 534 9.53 8.85 17.45
CA VAL A 534 8.16 9.34 17.37
C VAL A 534 7.52 9.16 18.74
N GLN A 535 6.99 10.24 19.31
CA GLN A 535 6.34 10.16 20.61
C GLN A 535 4.92 10.67 20.53
N ILE A 536 3.96 9.84 20.93
CA ILE A 536 2.56 10.23 21.05
C ILE A 536 2.27 10.42 22.53
N CYS A 537 1.98 11.65 22.95
CA CYS A 537 1.85 11.97 24.37
C CYS A 537 0.64 12.87 24.59
N THR A 538 0.43 13.24 25.85
CA THR A 538 -0.69 14.07 26.26
C THR A 538 -0.29 15.45 26.75
N LYS A 539 0.98 15.65 27.07
CA LYS A 539 1.50 16.95 27.52
C LYS A 539 2.21 17.65 26.36
N GLU A 540 1.93 18.94 26.20
CA GLU A 540 2.54 19.69 25.11
C GLU A 540 4.04 19.87 25.36
N THR A 541 4.83 19.70 24.31
CA THR A 541 6.28 19.74 24.41
C THR A 541 6.87 20.45 23.20
N GLU A 542 7.87 21.29 23.46
CA GLU A 542 8.64 21.90 22.38
C GLU A 542 9.68 20.91 21.90
N ASP A 543 9.65 20.58 20.62
CA ASP A 543 10.69 19.78 20.01
C ASP A 543 11.85 20.68 19.62
N LYS A 544 13.07 20.28 19.96
N LYS A 544 13.07 20.21 19.87
CA LYS A 544 14.23 21.12 19.73
CA LYS A 544 14.28 20.94 19.50
C LYS A 544 15.02 20.72 18.50
C LYS A 544 15.04 20.29 18.35
N CYS A 545 15.13 19.44 18.21
N CYS A 545 15.27 18.98 18.39
CA CYS A 545 15.95 18.96 17.10
CA CYS A 545 16.05 18.32 17.36
C CYS A 545 15.10 18.11 16.17
C CYS A 545 15.12 17.82 16.24
N VAL A 546 15.68 17.76 15.03
CA VAL A 546 14.91 17.26 13.89
C VAL A 546 15.01 15.73 13.79
N ASN A 547 15.45 15.05 14.85
CA ASN A 547 15.39 13.60 14.86
C ASN A 547 14.36 13.09 15.86
N ARG A 548 13.35 13.90 16.13
CA ARG A 548 12.21 13.39 16.87
C ARG A 548 10.97 14.16 16.46
N LEU A 549 9.83 13.49 16.60
CA LEU A 549 8.52 14.01 16.26
C LEU A 549 7.62 13.76 17.45
N THR A 550 7.17 14.82 18.11
CA THR A 550 6.33 14.70 19.30
C THR A 550 4.93 15.19 18.95
N LEU A 551 3.94 14.34 19.19
CA LEU A 551 2.56 14.59 18.80
C LEU A 551 1.72 14.62 20.07
N CYS A 552 1.23 15.80 20.44
CA CYS A 552 0.36 15.97 21.59
C CYS A 552 -1.07 16.12 21.07
N LEU A 553 -1.83 15.04 21.13
CA LEU A 553 -3.19 15.02 20.58
C LEU A 553 -4.20 15.07 21.71
N ARG A 554 -5.10 16.07 21.63
CA ARG A 554 -6.21 16.21 22.57
C ARG A 554 -6.96 14.90 22.72
N GLU A 555 -7.22 14.52 23.98
CA GLU A 555 -8.16 13.43 24.23
C GLU A 555 -9.57 13.88 23.83
N GLY A 556 -10.36 12.94 23.35
CA GLY A 556 -11.72 13.24 22.96
C GLY A 556 -12.16 12.39 21.79
N GLU A 557 -13.39 12.67 21.33
CA GLU A 557 -14.00 11.92 20.23
C GLU A 557 -13.28 12.11 18.90
N SER A 558 -12.33 13.04 18.82
CA SER A 558 -11.59 13.33 17.61
C SER A 558 -10.23 12.65 17.56
N LEU A 559 -9.87 11.91 18.62
CA LEU A 559 -8.50 11.42 18.75
C LEU A 559 -8.16 10.45 17.62
N THR A 560 -9.12 9.66 17.17
CA THR A 560 -8.82 8.65 16.17
C THR A 560 -8.50 9.29 14.82
N ALA A 561 -9.28 10.29 14.41
CA ALA A 561 -9.03 10.92 13.10
C ALA A 561 -7.72 11.71 13.11
N GLY A 562 -7.39 12.35 14.23
CA GLY A 562 -6.14 13.08 14.29
C GLY A 562 -4.94 12.17 14.23
N PHE A 563 -5.00 11.05 14.98
CA PHE A 563 -3.91 10.08 14.93
C PHE A 563 -3.70 9.55 13.51
N MET A 564 -4.77 9.11 12.86
CA MET A 564 -4.64 8.67 11.47
C MET A 564 -4.06 9.76 10.59
N GLN A 565 -4.49 11.01 10.79
CA GLN A 565 -3.94 12.11 10.00
C GLN A 565 -2.44 12.26 10.24
N ALA A 566 -2.00 12.13 11.49
CA ALA A 566 -0.58 12.22 11.82
C ALA A 566 0.19 11.03 11.28
N LEU A 567 -0.44 9.85 11.30
CA LEU A 567 0.25 8.64 10.88
C LEU A 567 0.55 8.67 9.39
N LEU A 568 -0.42 9.04 8.57
CA LEU A 568 -0.24 9.04 7.12
C LEU A 568 0.56 10.24 6.64
N GLY A 569 0.36 11.41 7.24
CA GLY A 569 0.96 12.64 6.75
C GLY A 569 2.26 13.05 7.40
N LEU A 570 2.59 12.48 8.57
CA LEU A 570 3.82 12.83 9.29
CA LEU A 570 3.83 12.83 9.28
C LEU A 570 4.67 11.60 9.59
N ILE A 571 4.08 10.62 10.27
CA ILE A 571 4.88 9.50 10.77
C ILE A 571 5.42 8.66 9.61
N LEU A 572 4.55 8.22 8.71
CA LEU A 572 5.02 7.36 7.63
C LEU A 572 5.99 8.07 6.69
N PRO A 573 5.78 9.32 6.26
CA PRO A 573 6.82 9.96 5.42
C PRO A 573 8.18 9.98 6.08
N VAL A 574 8.27 10.36 7.35
CA VAL A 574 9.57 10.40 8.01
C VAL A 574 10.14 9.01 8.16
N ALA A 575 9.32 8.03 8.57
CA ALA A 575 9.85 6.68 8.79
C ALA A 575 10.40 6.10 7.51
N TYR A 576 9.70 6.31 6.39
CA TYR A 576 10.15 5.79 5.11
C TYR A 576 11.45 6.44 4.67
N GLU A 577 11.56 7.76 4.83
CA GLU A 577 12.82 8.42 4.47
C GLU A 577 13.95 7.99 5.40
N PHE A 578 13.67 7.85 6.70
CA PHE A 578 14.67 7.40 7.66
C PHE A 578 15.19 6.00 7.34
N ASN A 579 14.30 5.10 6.85
CA ASN A 579 14.63 3.74 6.45
C ASN A 579 15.31 2.98 7.60
N PRO A 580 14.61 2.71 8.71
CA PRO A 580 15.25 2.01 9.83
C PRO A 580 15.50 0.55 9.51
N ALA A 581 16.42 -0.05 10.27
CA ALA A 581 16.64 -1.50 10.22
C ALA A 581 15.84 -2.24 11.28
N LEU A 582 15.26 -1.53 12.24
CA LEU A 582 14.43 -2.12 13.28
C LEU A 582 13.46 -1.04 13.71
N VAL A 583 12.23 -1.45 14.02
CA VAL A 583 11.25 -0.57 14.63
C VAL A 583 11.02 -1.05 16.05
N LEU A 584 11.13 -0.13 17.00
CA LEU A 584 10.91 -0.43 18.41
C LEU A 584 9.65 0.30 18.83
N GLY A 585 8.56 -0.45 19.05
CA GLY A 585 7.33 0.13 19.56
C GLY A 585 7.27 -0.01 21.07
N ILE A 586 6.75 1.03 21.73
CA ILE A 586 6.73 1.12 23.18
C ILE A 586 5.42 1.76 23.59
N VAL A 587 4.65 1.07 24.45
CA VAL A 587 3.38 1.59 24.94
C VAL A 587 3.44 1.59 26.47
N GLU A 588 3.29 2.76 27.07
CA GLU A 588 3.33 2.84 28.52
C GLU A 588 1.96 2.48 29.10
N GLU A 589 1.98 1.98 30.34
CA GLU A 589 0.77 1.41 30.94
C GLU A 589 -0.35 2.44 31.05
N THR A 590 0.00 3.68 31.40
CA THR A 590 -0.99 4.77 31.46
C THR A 590 -1.81 4.89 30.18
N ARG A 595 -7.58 4.85 24.56
CA ARG A 595 -7.97 5.44 23.28
C ARG A 595 -7.12 4.81 22.17
N LEU A 596 -6.28 3.89 22.61
CA LEU A 596 -5.32 3.21 21.74
C LEU A 596 -5.96 2.14 20.88
N MET A 597 -7.06 1.55 21.34
CA MET A 597 -7.55 0.30 20.77
C MET A 597 -7.91 0.44 19.30
N ARG A 598 -8.34 1.62 18.87
CA ARG A 598 -8.88 1.72 17.52
C ARG A 598 -7.82 1.96 16.46
N VAL A 599 -6.66 2.53 16.80
CA VAL A 599 -5.66 2.87 15.79
C VAL A 599 -4.41 2.00 15.85
N TRP A 600 -4.16 1.31 16.96
CA TRP A 600 -2.89 0.61 17.12
C TRP A 600 -2.71 -0.47 16.05
N GLY A 601 -3.80 -1.14 15.65
CA GLY A 601 -3.67 -2.19 14.65
C GLY A 601 -3.27 -1.63 13.30
N HIS A 602 -3.82 -0.47 12.92
CA HIS A 602 -3.46 0.15 11.65
C HIS A 602 -2.01 0.60 11.66
N MET A 603 -1.55 1.18 12.77
CA MET A 603 -0.16 1.62 12.85
C MET A 603 0.78 0.43 12.80
N THR A 604 0.47 -0.63 13.56
CA THR A 604 1.33 -1.81 13.56
C THR A 604 1.39 -2.44 12.18
N CYS A 605 0.26 -2.45 11.46
CA CYS A 605 0.29 -2.97 10.09
C CYS A 605 1.12 -2.09 9.16
N LEU A 606 0.85 -0.78 9.16
CA LEU A 606 1.53 0.11 8.20
C LEU A 606 3.02 0.27 8.50
N ILE A 607 3.39 0.32 9.78
CA ILE A 607 4.80 0.46 10.16
C ILE A 607 5.62 -0.76 9.76
N GLN A 608 4.99 -1.92 9.53
CA GLN A 608 5.73 -3.06 9.02
C GLN A 608 6.19 -2.89 7.57
N GLY A 609 5.79 -1.82 6.90
CA GLY A 609 6.44 -1.49 5.66
C GLY A 609 7.89 -1.05 5.83
N LEU A 610 8.31 -0.78 7.07
CA LEU A 610 9.68 -0.43 7.38
C LEU A 610 10.45 -1.63 7.94
N ALA A 611 11.77 -1.62 7.72
CA ALA A 611 12.70 -2.58 8.33
C ALA A 611 12.37 -4.03 7.98
N ARG A 612 11.88 -4.28 6.76
CA ARG A 612 11.48 -5.63 6.37
C ARG A 612 10.51 -6.24 7.39
N GLY A 613 9.70 -5.41 8.02
CA GLY A 613 8.74 -5.90 9.01
C GLY A 613 9.31 -6.22 10.36
N ARG A 614 10.58 -5.90 10.61
CA ARG A 614 11.25 -6.24 11.87
C ARG A 614 10.87 -5.21 12.92
N MET A 615 9.82 -5.50 13.66
CA MET A 615 9.33 -4.62 14.71
C MET A 615 9.26 -5.36 16.02
N LEU A 616 9.82 -4.78 17.07
CA LEU A 616 9.69 -5.29 18.43
C LEU A 616 8.83 -4.32 19.21
N THR A 617 7.74 -4.82 19.78
CA THR A 617 6.84 -4.01 20.59
C THR A 617 6.96 -4.39 22.06
N LEU A 618 7.26 -3.40 22.90
CA LEU A 618 7.26 -3.53 24.35
C LEU A 618 5.96 -2.94 24.89
N LEU A 619 5.16 -3.78 25.53
CA LEU A 619 3.94 -3.34 26.19
C LEU A 619 4.19 -3.34 27.69
N GLN A 620 4.02 -2.18 28.32
CA GLN A 620 4.19 -2.08 29.77
C GLN A 620 2.88 -2.49 30.44
N GLY A 621 2.94 -3.53 31.25
CA GLY A 621 1.78 -4.06 31.92
C GLY A 621 0.96 -4.98 31.01
N TYR A 622 0.16 -5.83 31.64
CA TYR A 622 -0.66 -6.77 30.90
C TYR A 622 -2.01 -6.15 30.58
N ASP A 623 -2.31 -6.02 29.30
CA ASP A 623 -3.65 -5.74 28.80
C ASP A 623 -3.95 -6.81 27.76
N LYS A 624 -4.88 -7.72 28.08
CA LYS A 624 -5.12 -8.85 27.19
C LYS A 624 -5.57 -8.39 25.81
N ASP A 625 -6.46 -7.39 25.75
CA ASP A 625 -6.97 -6.95 24.45
C ASP A 625 -5.90 -6.24 23.62
N LEU A 626 -5.10 -5.37 24.25
CA LEU A 626 -4.03 -4.71 23.51
C LEU A 626 -2.99 -5.71 23.03
N LEU A 627 -2.66 -6.69 23.87
CA LEU A 627 -1.70 -7.73 23.47
C LEU A 627 -2.26 -8.57 22.33
N GLU A 628 -3.55 -8.91 22.39
CA GLU A 628 -4.16 -9.68 21.31
C GLU A 628 -4.14 -8.89 20.00
N LEU A 629 -4.49 -7.60 20.07
CA LEU A 629 -4.50 -6.76 18.88
C LEU A 629 -3.10 -6.59 18.30
N THR A 630 -2.11 -6.34 19.15
CA THR A 630 -0.72 -6.22 18.70
C THR A 630 -0.24 -7.49 18.00
N VAL A 631 -0.45 -8.65 18.64
CA VAL A 631 -0.03 -9.91 18.05
C VAL A 631 -0.75 -10.17 16.73
N SER A 632 -2.04 -9.82 16.66
CA SER A 632 -2.80 -10.03 15.45
C SER A 632 -2.23 -9.21 14.29
N ALA A 633 -1.90 -7.93 14.56
CA ALA A 633 -1.37 -7.09 13.49
C ALA A 633 0.04 -7.49 13.11
N LEU A 634 0.88 -7.80 14.11
CA LEU A 634 2.24 -8.26 13.84
C LEU A 634 2.27 -9.52 13.00
N SER A 635 1.30 -10.42 13.19
CA SER A 635 1.32 -11.70 12.50
C SER A 635 0.76 -11.61 11.08
N GLY A 636 0.26 -10.45 10.68
CA GLY A 636 -0.26 -10.30 9.34
C GLY A 636 -1.72 -10.60 9.17
N ALA A 637 -2.48 -10.71 10.27
CA ALA A 637 -3.91 -10.89 10.19
C ALA A 637 -4.59 -9.64 9.62
N SER A 638 -5.81 -9.84 9.11
CA SER A 638 -6.57 -8.72 8.56
CA SER A 638 -6.58 -8.72 8.56
C SER A 638 -6.86 -7.69 9.65
N ILE A 639 -6.80 -6.42 9.28
CA ILE A 639 -7.03 -5.34 10.23
C ILE A 639 -8.50 -4.93 10.16
N SER A 640 -9.15 -4.82 11.32
CA SER A 640 -10.57 -4.49 11.31
C SER A 640 -10.77 -3.02 10.94
N PRO A 641 -11.77 -2.72 10.11
CA PRO A 641 -11.92 -1.35 9.59
C PRO A 641 -12.12 -0.31 10.68
N LEU A 642 -11.79 0.93 10.34
CA LEU A 642 -11.95 2.03 11.28
C LEU A 642 -13.37 2.58 11.30
N GLY A 643 -14.11 2.43 10.19
CA GLY A 643 -15.36 3.13 10.04
C GLY A 643 -15.15 4.62 9.96
N PRO A 644 -16.10 5.40 10.51
CA PRO A 644 -16.01 6.87 10.61
C PRO A 644 -15.42 7.35 11.95
N ARG A 646 -15.16 10.90 12.38
CA ARG A 646 -15.30 12.18 13.06
C ARG A 646 -14.06 13.03 12.84
N ALA A 647 -14.17 14.01 11.91
CA ALA A 647 -13.12 14.92 11.45
C ALA A 647 -12.19 15.38 12.57
N PRO A 648 -10.91 15.63 12.27
CA PRO A 648 -9.97 15.96 13.34
C PRO A 648 -10.19 17.37 13.89
N LYS A 649 -9.83 17.55 15.16
CA LYS A 649 -9.88 18.86 15.80
C LYS A 649 -8.97 19.83 15.05
N PRO A 650 -9.44 21.05 14.76
CA PRO A 650 -8.56 22.02 14.08
C PRO A 650 -7.31 22.34 14.87
N GLU A 651 -7.36 22.22 16.20
CA GLU A 651 -6.16 22.43 17.00
C GLU A 651 -5.14 21.31 16.76
N ASP A 652 -5.61 20.10 16.46
CA ASP A 652 -4.69 19.01 16.15
C ASP A 652 -4.06 19.20 14.78
N VAL A 653 -4.85 19.65 13.81
CA VAL A 653 -4.32 19.87 12.46
C VAL A 653 -3.26 20.96 12.48
N GLU A 654 -3.50 22.03 13.24
CA GLU A 654 -2.50 23.08 13.36
C GLU A 654 -1.22 22.55 14.01
N MET A 655 -1.35 21.75 15.07
CA MET A 655 -0.18 21.13 15.70
C MET A 655 0.60 20.31 14.68
N MET A 656 -0.10 19.53 13.86
CA MET A 656 0.57 18.66 12.90
C MET A 656 1.24 19.45 11.79
N GLU A 657 0.58 20.52 11.32
CA GLU A 657 1.21 21.30 10.26
C GLU A 657 2.42 22.08 10.78
N LYS A 658 2.40 22.50 12.05
CA LYS A 658 3.60 23.07 12.66
C LYS A 658 4.75 22.07 12.69
N GLN A 659 4.44 20.79 12.94
CA GLN A 659 5.46 19.75 12.91
C GLN A 659 6.01 19.57 11.49
N ARG A 660 5.13 19.53 10.48
CA ARG A 660 5.58 19.43 9.11
C ARG A 660 6.50 20.61 8.74
N GLN A 661 6.09 21.82 9.11
CA GLN A 661 6.94 22.98 8.83
C GLN A 661 8.30 22.83 9.50
N ARG A 662 8.31 22.34 10.74
CA ARG A 662 9.55 22.22 11.50
C ARG A 662 10.46 21.11 10.95
N LEU A 663 9.89 20.08 10.32
CA LEU A 663 10.66 18.91 9.93
C LEU A 663 10.89 18.76 8.44
N GLN A 664 10.13 19.44 7.58
CA GLN A 664 10.17 19.06 6.17
C GLN A 664 11.42 19.54 5.45
N GLU A 665 12.17 20.50 6.00
CA GLU A 665 13.46 20.84 5.40
C GLU A 665 14.43 19.68 5.49
N ARG A 666 14.44 18.99 6.63
CA ARG A 666 15.32 17.83 6.82
C ARG A 666 14.76 16.59 6.14
N TRP A 667 13.44 16.38 6.26
CA TRP A 667 12.77 15.17 5.81
C TRP A 667 11.82 15.57 4.69
N GLY A 668 12.36 15.65 3.47
CA GLY A 668 11.60 16.18 2.34
C GLY A 668 10.38 15.36 1.95
N LEU A 669 10.33 14.09 2.34
CA LEU A 669 9.13 13.30 2.02
C LEU A 669 7.89 13.82 2.72
N LEU A 670 8.07 14.70 3.73
CA LEU A 670 6.94 15.38 4.36
C LEU A 670 6.29 16.44 3.49
N ARG A 671 6.95 16.89 2.42
CA ARG A 671 6.46 18.02 1.64
CA ARG A 671 6.43 18.03 1.67
C ARG A 671 5.23 17.65 0.83
N CYS A 672 4.21 18.49 0.87
CA CYS A 672 3.06 18.34 -0.03
C CYS A 672 2.73 19.68 -0.69
N THR A 673 3.72 20.58 -0.77
CA THR A 673 3.66 21.83 -1.51
C THR A 673 5.03 22.05 -2.15
N VAL A 674 5.07 22.87 -3.21
CA VAL A 674 6.35 23.28 -3.76
C VAL A 674 7.02 24.25 -2.78
N SER A 675 8.32 24.05 -2.58
CA SER A 675 9.09 24.88 -1.65
C SER A 675 9.15 26.34 -2.11
N GLU A 676 9.16 27.25 -1.14
CA GLU A 676 9.39 28.65 -1.43
C GLU A 676 10.86 28.87 -1.80
N SER A 677 11.08 29.53 -2.94
CA SER A 677 12.44 29.84 -3.38
C SER A 677 12.87 31.21 -2.86
N TRP A 678 14.16 31.32 -2.55
CA TRP A 678 14.71 32.60 -2.10
C TRP A 678 14.67 33.61 -3.23
C1 PEG B . -12.55 -11.65 3.07
O1 PEG B . -11.93 -12.14 1.90
C2 PEG B . -11.58 -11.22 4.13
O2 PEG B . -12.27 -10.86 5.32
C3 PEG B . -13.22 -9.82 5.12
C4 PEG B . -13.94 -9.50 6.38
O4 PEG B . -14.93 -8.49 6.21
C1 PEG C . -2.79 -13.76 2.37
O1 PEG C . -2.59 -14.92 1.60
C2 PEG C . -3.83 -13.93 3.44
O2 PEG C . -3.29 -14.52 4.61
C3 PEG C . -3.14 -15.93 4.53
C4 PEG C . -2.77 -16.50 5.86
O4 PEG C . -2.61 -17.91 5.82
C1 EDO D . 3.85 -7.84 4.30
O1 EDO D . 4.17 -6.74 5.17
C2 EDO D . 3.23 -7.37 2.98
O2 EDO D . 1.82 -7.13 3.09
C13 X54 E . 2.24 5.68 -28.42
C01 X54 E . -3.47 -0.24 -20.63
C02 X54 E . -2.79 1.07 -21.06
C06 X54 E . -2.12 2.29 -23.08
C07 X54 E . -2.45 2.60 -24.55
C08 X54 E . -1.36 3.44 -25.21
C09 X54 E . -1.76 4.11 -26.54
C11 X54 E . -0.31 5.67 -27.70
C12 X54 E . 0.76 5.92 -28.78
N05 X54 E . -2.99 1.28 -22.49
N10 X54 E . -0.60 4.27 -27.41
N14 X54 E . 3.06 5.58 -29.62
O03 X54 E . -3.36 2.09 -20.30
O04 X54 E . -1.45 0.96 -20.71
ZN ZN F . -1.01 1.95 -19.09
K K G . -3.68 5.46 -13.82
K K H . -17.17 8.27 -8.28
P PO4 I . -1.69 20.95 -15.53
O1 PO4 I . -0.84 21.79 -14.60
O2 PO4 I . -1.79 19.57 -14.90
O3 PO4 I . -1.09 20.88 -16.89
O4 PO4 I . -3.06 21.56 -15.61
P PO4 J . 5.89 21.60 -14.34
O1 PO4 J . 7.29 21.55 -13.79
O2 PO4 J . 5.90 21.56 -15.85
O3 PO4 J . 5.22 22.86 -13.89
O4 PO4 J . 5.10 20.41 -13.84
P PO4 K . -15.94 -18.25 -7.09
O1 PO4 K . -14.92 -17.37 -7.76
O2 PO4 K . -15.47 -19.68 -7.19
O3 PO4 K . -16.08 -17.85 -5.63
O4 PO4 K . -17.28 -18.07 -7.75
P PO4 L . 11.92 -15.12 -3.78
O1 PO4 L . 12.30 -15.03 -2.32
O2 PO4 L . 12.92 -15.96 -4.55
O3 PO4 L . 11.87 -13.73 -4.39
O4 PO4 L . 10.55 -15.75 -3.88
#